data_8V42
#
_entry.id   8V42
#
_cell.length_a   91.552
_cell.length_b   96.615
_cell.length_c   190.858
_cell.angle_alpha   90.00
_cell.angle_beta   90.00
_cell.angle_gamma   90.00
#
_symmetry.space_group_name_H-M   'P 21 21 21'
#
loop_
_entity.id
_entity.type
_entity.pdbx_description
1 polymer 'Serine/threonine-protein kinase VRK1'
2 non-polymer DI(HYDROXYETHYL)ETHER
3 non-polymer (7S)-2-(3,5-difluoro-4-hydroxyanilino)-7-methyl-5-[(1,2-oxazol-5-yl)methyl]-8-(prop-2-yn-1-yl)-7,8-dihydropteridin-6(5H)-one
4 non-polymer 'SULFATE ION'
5 water water
#
_entity_poly.entity_id   1
_entity_poly.type   'polypeptide(L)'
_entity_poly.pdbx_seq_one_letter_code
;SMRVKAAQAGRQSSAKRHLAEQFAVGEIITDMAAAAWKVGLPIGQGGFGCIYLADMNSSESVGSDAPCVVKVEPSDNGPL
FTELKFYQRAAKPEQIQKWIRTRKLKYLGVPKYWGSGLHDKNGKSYRFMIMDRFGSDLQKIYEANAKRFSRKTVLQLSLR
ILDILEYIHEHEYVHGDIKASNLLLNYKNPDQVYLVDYGLAYRYCPEGVHKAYAADPKRCHDGTIEFTSIDAHNGVAPSR
RGDLEILGYCMIQWLTGHLPWEDNLKDPKYVRDSKIRYRENIASLMDKCFPAANAPGEIAKYMETVKLLDYTEKPLYENL
RDILLQGLKAIGSKDDGKLDLSVVENGGLKAKTITKKRAAEIEE
;
_entity_poly.pdbx_strand_id   A,B,C,D
#
# COMPACT_ATOMS: atom_id res chain seq x y z
N ALA A 20 34.25 -47.07 13.48
CA ALA A 20 33.07 -47.99 13.50
C ALA A 20 32.37 -47.95 12.14
N GLU A 21 31.50 -48.96 11.92
CA GLU A 21 30.83 -49.16 10.65
C GLU A 21 29.33 -49.22 10.88
N GLN A 22 28.59 -48.22 10.36
CA GLN A 22 27.14 -48.21 10.46
C GLN A 22 26.53 -49.14 9.42
N PHE A 23 27.27 -49.38 8.33
CA PHE A 23 26.79 -50.23 7.24
C PHE A 23 27.83 -51.30 6.92
N ALA A 24 27.33 -52.50 6.60
CA ALA A 24 28.11 -53.49 5.88
C ALA A 24 28.11 -53.09 4.41
N VAL A 25 29.31 -52.93 3.84
CA VAL A 25 29.45 -52.47 2.46
C VAL A 25 28.69 -53.43 1.53
N GLY A 26 27.94 -52.86 0.60
CA GLY A 26 27.18 -53.63 -0.37
C GLY A 26 25.78 -53.97 0.11
N GLU A 27 25.42 -53.58 1.34
CA GLU A 27 24.11 -53.93 1.88
C GLU A 27 23.05 -53.02 1.26
N ILE A 28 21.81 -53.51 1.27
CA ILE A 28 20.69 -52.80 0.65
C ILE A 28 19.84 -52.21 1.76
N ILE A 29 19.60 -50.90 1.69
CA ILE A 29 18.79 -50.20 2.66
C ILE A 29 17.55 -49.65 1.95
N THR A 30 16.45 -49.60 2.70
CA THR A 30 15.19 -49.08 2.19
C THR A 30 14.85 -47.83 3.00
N ASP A 31 14.53 -46.73 2.31
CA ASP A 31 14.11 -45.50 2.94
C ASP A 31 12.63 -45.63 3.31
N MET A 32 12.06 -44.55 3.86
CA MET A 32 10.74 -44.59 4.45
C MET A 32 9.66 -44.51 3.36
N ALA A 33 10.04 -44.17 2.12
CA ALA A 33 9.14 -44.25 0.98
C ALA A 33 9.27 -45.60 0.28
N ALA A 34 10.05 -46.52 0.87
CA ALA A 34 10.22 -47.88 0.37
C ALA A 34 11.12 -47.92 -0.86
N ALA A 35 11.86 -46.85 -1.14
CA ALA A 35 12.82 -46.85 -2.24
C ALA A 35 14.10 -47.54 -1.77
N ALA A 36 14.69 -48.37 -2.64
CA ALA A 36 15.81 -49.23 -2.27
C ALA A 36 17.12 -48.64 -2.80
N TRP A 37 18.15 -48.71 -1.95
CA TRP A 37 19.48 -48.19 -2.26
C TRP A 37 20.53 -49.23 -1.85
N LYS A 38 21.70 -49.16 -2.48
CA LYS A 38 22.84 -49.98 -2.07
C LYS A 38 23.94 -49.05 -1.56
N VAL A 39 24.60 -49.47 -0.48
CA VAL A 39 25.65 -48.69 0.17
C VAL A 39 27.01 -49.15 -0.35
N GLY A 40 27.92 -48.18 -0.54
CA GLY A 40 29.26 -48.43 -1.05
C GLY A 40 30.33 -47.98 -0.06
N LEU A 41 31.52 -47.67 -0.57
CA LEU A 41 32.66 -47.29 0.25
C LEU A 41 32.50 -45.87 0.75
N PRO A 42 33.21 -45.49 1.85
CA PRO A 42 33.17 -44.11 2.35
C PRO A 42 33.98 -43.16 1.47
N ILE A 43 33.52 -41.91 1.35
CA ILE A 43 34.25 -40.86 0.65
C ILE A 43 34.36 -39.63 1.56
N ILE A 51 29.48 -40.74 6.02
CA ILE A 51 29.14 -40.50 4.58
C ILE A 51 29.70 -41.64 3.74
N TYR A 52 28.84 -42.23 2.90
CA TYR A 52 29.21 -43.36 2.05
C TYR A 52 28.67 -43.13 0.64
N LEU A 53 29.40 -43.60 -0.36
CA LEU A 53 28.90 -43.66 -1.72
C LEU A 53 27.64 -44.53 -1.73
N ALA A 54 26.70 -44.21 -2.62
CA ALA A 54 25.44 -44.93 -2.71
C ALA A 54 24.89 -44.83 -4.12
N ASP A 55 24.01 -45.78 -4.47
CA ASP A 55 23.31 -45.78 -5.75
C ASP A 55 22.02 -46.57 -5.59
N MET A 56 21.15 -46.49 -6.60
CA MET A 56 19.94 -47.30 -6.67
C MET A 56 20.28 -48.78 -6.53
N ASN A 57 19.36 -49.53 -5.92
CA ASN A 57 19.54 -50.95 -5.74
C ASN A 57 19.58 -51.65 -7.09
N SER A 58 20.58 -52.52 -7.25
CA SER A 58 20.76 -53.34 -8.44
C SER A 58 21.68 -54.51 -8.08
N SER A 59 21.88 -55.42 -9.04
CA SER A 59 22.78 -56.55 -8.86
C SER A 59 24.24 -56.09 -8.90
N GLU A 60 24.49 -54.95 -9.57
CA GLU A 60 25.82 -54.38 -9.67
C GLU A 60 26.26 -53.84 -8.32
N SER A 61 27.57 -53.62 -8.18
CA SER A 61 28.14 -53.01 -6.97
C SER A 61 28.13 -51.50 -7.11
N VAL A 62 28.15 -50.81 -5.96
CA VAL A 62 28.30 -49.37 -5.93
C VAL A 62 29.75 -49.04 -6.22
N GLY A 63 30.01 -48.36 -7.34
CA GLY A 63 31.35 -48.02 -7.77
C GLY A 63 31.77 -46.64 -7.28
N SER A 64 32.93 -46.18 -7.77
CA SER A 64 33.51 -44.90 -7.39
C SER A 64 32.84 -43.75 -8.14
N ASP A 65 32.13 -44.06 -9.24
CA ASP A 65 31.39 -43.06 -9.99
C ASP A 65 29.93 -43.04 -9.54
N ALA A 66 29.69 -43.39 -8.27
CA ALA A 66 28.35 -43.40 -7.71
C ALA A 66 27.78 -41.98 -7.72
N PRO A 67 26.49 -41.79 -8.08
CA PRO A 67 25.89 -40.46 -8.14
C PRO A 67 25.31 -39.93 -6.83
N CYS A 68 25.27 -40.78 -5.79
CA CYS A 68 24.67 -40.43 -4.52
C CYS A 68 25.63 -40.70 -3.36
N VAL A 69 25.31 -40.07 -2.22
CA VAL A 69 25.94 -40.39 -0.96
C VAL A 69 24.82 -40.67 0.06
N VAL A 70 25.16 -41.49 1.07
CA VAL A 70 24.30 -41.67 2.22
C VAL A 70 25.05 -41.12 3.44
N LYS A 71 24.46 -40.10 4.06
CA LYS A 71 24.97 -39.54 5.30
C LYS A 71 24.26 -40.23 6.46
N VAL A 72 25.02 -40.58 7.49
CA VAL A 72 24.48 -41.28 8.64
C VAL A 72 25.07 -40.68 9.90
N GLU A 73 24.17 -40.25 10.81
CA GLU A 73 24.53 -39.79 12.14
C GLU A 73 23.66 -40.51 13.15
N PRO A 74 24.02 -40.49 14.46
CA PRO A 74 23.08 -40.85 15.52
C PRO A 74 21.77 -40.09 15.35
N SER A 75 20.65 -40.72 15.75
CA SER A 75 19.33 -40.15 15.51
C SER A 75 19.10 -38.92 16.39
N ASP A 76 19.92 -38.75 17.44
CA ASP A 76 19.81 -37.60 18.32
C ASP A 76 20.67 -36.44 17.82
N ASN A 77 21.39 -36.63 16.70
CA ASN A 77 22.20 -35.58 16.11
C ASN A 77 21.30 -34.45 15.61
N GLY A 78 21.45 -33.28 16.23
CA GLY A 78 20.64 -32.10 15.90
C GLY A 78 20.88 -31.63 14.48
N PRO A 79 22.14 -31.33 14.08
CA PRO A 79 22.43 -30.81 12.74
C PRO A 79 21.86 -31.61 11.56
N LEU A 80 21.98 -32.95 11.61
CA LEU A 80 21.49 -33.76 10.51
C LEU A 80 19.97 -33.59 10.39
N PHE A 81 19.28 -33.50 11.54
CA PHE A 81 17.84 -33.31 11.56
C PHE A 81 17.48 -31.99 10.87
N THR A 82 18.17 -30.92 11.25
CA THR A 82 17.91 -29.60 10.69
C THR A 82 18.14 -29.60 9.18
N GLU A 83 19.23 -30.27 8.76
CA GLU A 83 19.58 -30.37 7.35
C GLU A 83 18.55 -31.22 6.61
N LEU A 84 18.15 -32.34 7.22
CA LEU A 84 17.15 -33.23 6.64
C LEU A 84 15.87 -32.45 6.37
N LYS A 85 15.42 -31.64 7.34
CA LYS A 85 14.20 -30.87 7.20
C LYS A 85 14.31 -29.86 6.06
N PHE A 86 15.48 -29.22 5.93
CA PHE A 86 15.70 -28.30 4.82
C PHE A 86 15.55 -29.05 3.50
N TYR A 87 16.24 -30.18 3.37
CA TYR A 87 16.29 -30.94 2.14
C TYR A 87 14.89 -31.44 1.78
N GLN A 88 14.12 -31.89 2.78
CA GLN A 88 12.76 -32.38 2.55
C GLN A 88 11.84 -31.26 2.09
N ARG A 89 12.05 -30.04 2.63
CA ARG A 89 11.14 -28.93 2.38
C ARG A 89 11.46 -28.21 1.07
N ALA A 90 12.75 -28.15 0.71
CA ALA A 90 13.20 -27.22 -0.32
C ALA A 90 14.04 -27.88 -1.40
N ALA A 91 14.37 -29.16 -1.26
CA ALA A 91 15.30 -29.81 -2.18
C ALA A 91 14.72 -31.08 -2.78
N LYS A 92 13.39 -31.13 -2.92
CA LYS A 92 12.74 -32.23 -3.62
C LYS A 92 13.14 -32.14 -5.10
N PRO A 93 13.55 -33.27 -5.74
CA PRO A 93 14.00 -33.23 -7.14
C PRO A 93 13.10 -32.45 -8.08
N GLU A 94 11.80 -32.75 -8.04
CA GLU A 94 10.84 -32.15 -8.96
C GLU A 94 10.65 -30.67 -8.64
N GLN A 95 10.71 -30.34 -7.35
CA GLN A 95 10.63 -28.97 -6.87
C GLN A 95 11.74 -28.12 -7.49
N ILE A 96 12.97 -28.65 -7.46
CA ILE A 96 14.13 -27.97 -8.01
C ILE A 96 14.01 -27.88 -9.53
N GLN A 97 13.67 -29.00 -10.18
CA GLN A 97 13.57 -29.03 -11.64
C GLN A 97 12.52 -28.03 -12.12
N LYS A 98 11.42 -27.91 -11.39
CA LYS A 98 10.36 -26.96 -11.74
C LYS A 98 10.90 -25.53 -11.69
N TRP A 99 11.72 -25.22 -10.67
CA TRP A 99 12.30 -23.90 -10.53
C TRP A 99 13.20 -23.60 -11.72
N ILE A 100 14.06 -24.57 -12.07
CA ILE A 100 15.03 -24.41 -13.13
C ILE A 100 14.33 -24.01 -14.44
N ARG A 101 13.21 -24.68 -14.75
CA ARG A 101 12.52 -24.50 -16.02
C ARG A 101 11.81 -23.15 -16.07
N THR A 102 11.09 -22.80 -15.00
CA THR A 102 10.23 -21.62 -14.98
C THR A 102 11.07 -20.34 -14.96
N ARG A 103 12.25 -20.37 -14.32
CA ARG A 103 13.15 -19.24 -14.27
C ARG A 103 14.12 -19.29 -15.45
N LYS A 104 14.14 -20.42 -16.16
CA LYS A 104 14.92 -20.60 -17.38
C LYS A 104 16.42 -20.56 -17.03
N LEU A 105 16.82 -21.42 -16.07
CA LEU A 105 18.20 -21.56 -15.66
C LEU A 105 18.80 -22.77 -16.36
N LYS A 106 20.14 -22.80 -16.47
CA LYS A 106 20.85 -23.96 -16.98
C LYS A 106 20.87 -25.04 -15.89
N TYR A 107 21.05 -24.62 -14.63
CA TYR A 107 20.95 -25.52 -13.49
C TYR A 107 20.65 -24.71 -12.24
N LEU A 108 20.60 -25.40 -11.09
CA LEU A 108 20.48 -24.75 -9.79
C LEU A 108 21.36 -25.51 -8.80
N GLY A 109 22.26 -24.80 -8.12
CA GLY A 109 23.27 -25.41 -7.29
C GLY A 109 22.76 -25.77 -5.90
N VAL A 110 21.54 -26.32 -5.83
CA VAL A 110 21.00 -26.86 -4.60
C VAL A 110 21.03 -28.39 -4.73
N PRO A 111 21.69 -29.12 -3.80
CA PRO A 111 21.74 -30.58 -3.88
C PRO A 111 20.34 -31.16 -3.75
N LYS A 112 20.10 -32.28 -4.44
CA LYS A 112 18.80 -32.94 -4.43
C LYS A 112 18.73 -33.95 -3.29
N TYR A 113 17.56 -34.01 -2.64
CA TYR A 113 17.23 -34.98 -1.62
C TYR A 113 16.58 -36.21 -2.28
N TRP A 114 17.10 -37.40 -1.96
CA TRP A 114 16.62 -38.63 -2.58
C TRP A 114 15.89 -39.54 -1.60
N GLY A 115 15.99 -39.27 -0.29
CA GLY A 115 15.26 -40.05 0.69
C GLY A 115 15.99 -40.07 2.03
N SER A 116 15.35 -40.68 3.03
CA SER A 116 15.90 -40.78 4.37
C SER A 116 15.18 -41.88 5.13
N GLY A 117 15.77 -42.31 6.25
CA GLY A 117 15.12 -43.26 7.13
C GLY A 117 15.87 -43.44 8.44
N LEU A 118 15.55 -44.54 9.12
CA LEU A 118 16.16 -44.90 10.39
C LEU A 118 16.82 -46.26 10.24
N HIS A 119 17.93 -46.45 10.97
CA HIS A 119 18.73 -47.66 10.84
C HIS A 119 19.31 -48.00 12.21
N ASP A 120 18.94 -49.18 12.72
CA ASP A 120 19.45 -49.68 14.00
C ASP A 120 20.72 -50.48 13.73
N LYS A 121 21.68 -50.36 14.66
CA LYS A 121 22.88 -51.18 14.64
C LYS A 121 23.56 -51.09 16.00
N ASN A 122 23.82 -52.26 16.61
CA ASN A 122 24.51 -52.36 17.89
C ASN A 122 23.71 -51.69 18.99
N GLY A 123 22.37 -51.78 18.90
CA GLY A 123 21.49 -51.25 19.92
C GLY A 123 21.47 -49.73 19.97
N LYS A 124 21.77 -49.09 18.83
CA LYS A 124 21.72 -47.64 18.71
C LYS A 124 20.92 -47.29 17.45
N SER A 125 20.24 -46.14 17.48
CA SER A 125 19.40 -45.71 16.36
C SER A 125 20.12 -44.61 15.58
N TYR A 126 20.19 -44.80 14.26
CA TYR A 126 20.85 -43.87 13.36
C TYR A 126 19.85 -43.38 12.32
N ARG A 127 19.97 -42.09 11.99
CA ARG A 127 19.22 -41.47 10.90
C ARG A 127 20.13 -41.43 9.67
N PHE A 128 19.56 -41.77 8.51
CA PHE A 128 20.32 -41.69 7.26
C PHE A 128 19.56 -40.85 6.25
N MET A 129 20.31 -40.26 5.30
CA MET A 129 19.75 -39.40 4.28
C MET A 129 20.54 -39.62 2.98
N ILE A 130 19.81 -39.78 1.87
CA ILE A 130 20.40 -39.96 0.56
C ILE A 130 20.38 -38.61 -0.15
N MET A 131 21.54 -38.17 -0.66
CA MET A 131 21.62 -36.93 -1.40
C MET A 131 22.64 -37.07 -2.54
N ASP A 132 22.71 -36.04 -3.39
CA ASP A 132 23.63 -36.01 -4.52
C ASP A 132 25.08 -36.14 -4.05
N ARG A 133 25.89 -36.80 -4.89
CA ARG A 133 27.33 -36.87 -4.70
C ARG A 133 27.97 -35.78 -5.57
N PHE A 134 29.12 -35.26 -5.11
CA PHE A 134 29.79 -34.17 -5.80
C PHE A 134 31.27 -34.49 -5.95
N GLY A 135 31.96 -33.65 -6.75
CA GLY A 135 33.40 -33.73 -6.92
C GLY A 135 34.12 -32.86 -5.90
N SER A 136 35.13 -32.10 -6.37
CA SER A 136 36.00 -31.34 -5.49
C SER A 136 35.28 -30.11 -4.93
N ASP A 137 35.71 -29.70 -3.73
CA ASP A 137 35.30 -28.42 -3.16
C ASP A 137 36.15 -27.31 -3.76
N LEU A 138 35.65 -26.07 -3.68
CA LEU A 138 36.33 -24.92 -4.25
C LEU A 138 37.59 -24.58 -3.46
N GLN A 139 37.60 -24.88 -2.16
CA GLN A 139 38.70 -24.51 -1.29
C GLN A 139 39.98 -25.22 -1.72
N LYS A 140 39.85 -26.49 -2.14
CA LYS A 140 40.99 -27.27 -2.61
C LYS A 140 41.54 -26.65 -3.90
N ILE A 141 40.62 -26.27 -4.80
CA ILE A 141 41.00 -25.69 -6.09
C ILE A 141 41.60 -24.31 -5.87
N TYR A 142 40.99 -23.53 -4.97
CA TYR A 142 41.47 -22.21 -4.62
C TYR A 142 42.94 -22.28 -4.19
N GLU A 143 43.26 -23.22 -3.30
CA GLU A 143 44.61 -23.38 -2.78
C GLU A 143 45.57 -23.82 -3.88
N ALA A 144 45.08 -24.67 -4.79
CA ALA A 144 45.88 -25.18 -5.90
C ALA A 144 46.26 -24.05 -6.87
N ASN A 145 45.46 -22.98 -6.89
CA ASN A 145 45.72 -21.83 -7.75
C ASN A 145 46.35 -20.70 -6.94
N ALA A 146 47.05 -21.06 -5.85
CA ALA A 146 47.76 -20.13 -5.00
C ALA A 146 46.80 -19.09 -4.40
N LYS A 147 45.63 -19.56 -3.93
CA LYS A 147 44.64 -18.74 -3.26
C LYS A 147 44.29 -17.52 -4.10
N ARG A 148 44.01 -17.74 -5.39
CA ARG A 148 43.50 -16.70 -6.26
C ARG A 148 42.53 -17.31 -7.26
N PHE A 149 41.37 -16.66 -7.43
CA PHE A 149 40.50 -16.91 -8.58
C PHE A 149 40.47 -15.63 -9.42
N SER A 150 40.35 -15.81 -10.74
CA SER A 150 40.22 -14.69 -11.65
C SER A 150 38.90 -13.96 -11.41
N ARG A 151 38.81 -12.73 -11.94
CA ARG A 151 37.59 -11.95 -11.89
C ARG A 151 36.47 -12.69 -12.62
N LYS A 152 36.80 -13.27 -13.78
CA LYS A 152 35.87 -14.10 -14.53
C LYS A 152 35.27 -15.16 -13.63
N THR A 153 36.14 -15.97 -13.00
CA THR A 153 35.72 -17.06 -12.12
C THR A 153 34.81 -16.55 -11.01
N VAL A 154 35.22 -15.46 -10.34
CA VAL A 154 34.53 -14.96 -9.17
C VAL A 154 33.12 -14.48 -9.55
N LEU A 155 33.00 -13.81 -10.70
CA LEU A 155 31.72 -13.29 -11.15
C LEU A 155 30.79 -14.44 -11.55
N GLN A 156 31.35 -15.47 -12.18
CA GLN A 156 30.56 -16.60 -12.65
C GLN A 156 30.08 -17.44 -11.46
N LEU A 157 30.97 -17.69 -10.49
CA LEU A 157 30.61 -18.33 -9.26
C LEU A 157 29.48 -17.57 -8.56
N SER A 158 29.63 -16.24 -8.48
CA SER A 158 28.75 -15.41 -7.68
C SER A 158 27.35 -15.34 -8.28
N LEU A 159 27.26 -15.29 -9.62
CA LEU A 159 25.97 -15.29 -10.30
C LEU A 159 25.17 -16.54 -9.90
N ARG A 160 25.84 -17.69 -9.85
CA ARG A 160 25.18 -18.96 -9.58
C ARG A 160 24.81 -19.07 -8.11
N ILE A 161 25.64 -18.51 -7.22
CA ILE A 161 25.35 -18.52 -5.79
C ILE A 161 24.15 -17.60 -5.53
N LEU A 162 24.06 -16.48 -6.24
CA LEU A 162 22.91 -15.59 -6.13
C LEU A 162 21.62 -16.33 -6.54
N ASP A 163 21.70 -17.22 -7.53
CA ASP A 163 20.55 -18.04 -7.91
C ASP A 163 20.21 -19.01 -6.77
N ILE A 164 21.24 -19.62 -6.17
CA ILE A 164 21.05 -20.54 -5.07
C ILE A 164 20.41 -19.80 -3.89
N LEU A 165 20.98 -18.64 -3.52
CA LEU A 165 20.51 -17.90 -2.37
C LEU A 165 19.06 -17.45 -2.60
N GLU A 166 18.79 -16.92 -3.79
CA GLU A 166 17.44 -16.53 -4.15
C GLU A 166 16.47 -17.70 -3.94
N TYR A 167 16.88 -18.90 -4.36
CA TYR A 167 16.04 -20.07 -4.24
C TYR A 167 15.74 -20.37 -2.76
N ILE A 168 16.78 -20.51 -1.94
CA ILE A 168 16.60 -20.97 -0.57
C ILE A 168 15.87 -19.90 0.25
N HIS A 169 16.18 -18.62 0.00
CA HIS A 169 15.49 -17.51 0.65
C HIS A 169 13.98 -17.58 0.36
N GLU A 170 13.63 -17.82 -0.90
CA GLU A 170 12.23 -17.90 -1.29
C GLU A 170 11.54 -19.12 -0.68
N HIS A 171 12.33 -20.10 -0.23
CA HIS A 171 11.80 -21.26 0.48
C HIS A 171 12.08 -21.15 1.98
N GLU A 172 12.26 -19.91 2.47
CA GLU A 172 12.13 -19.57 3.88
C GLU A 172 13.41 -19.86 4.66
N TYR A 173 14.53 -20.13 3.98
CA TYR A 173 15.77 -20.51 4.64
C TYR A 173 16.92 -19.57 4.26
N VAL A 174 17.83 -19.33 5.22
CA VAL A 174 19.13 -18.72 4.95
C VAL A 174 20.22 -19.73 5.31
N HIS A 175 21.36 -19.64 4.62
CA HIS A 175 22.46 -20.58 4.81
C HIS A 175 23.32 -20.14 5.99
N GLY A 176 23.86 -18.91 5.91
CA GLY A 176 24.58 -18.32 7.03
C GLY A 176 26.05 -18.74 7.10
N ASP A 177 26.54 -19.48 6.10
CA ASP A 177 27.90 -19.98 6.14
C ASP A 177 28.42 -20.32 4.75
N ILE A 178 28.19 -19.42 3.78
CA ILE A 178 28.73 -19.58 2.45
C ILE A 178 30.25 -19.44 2.52
N LYS A 179 30.95 -20.37 1.88
CA LYS A 179 32.41 -20.35 1.78
C LYS A 179 32.85 -21.44 0.80
N ALA A 180 34.12 -21.37 0.37
CA ALA A 180 34.63 -22.23 -0.68
C ALA A 180 34.54 -23.70 -0.32
N SER A 181 34.71 -24.03 0.97
CA SER A 181 34.71 -25.42 1.41
C SER A 181 33.29 -25.99 1.46
N ASN A 182 32.27 -25.12 1.37
CA ASN A 182 30.87 -25.52 1.29
C ASN A 182 30.35 -25.40 -0.14
N LEU A 183 31.25 -25.18 -1.11
CA LEU A 183 30.86 -25.13 -2.51
C LEU A 183 31.54 -26.29 -3.23
N LEU A 184 30.73 -27.20 -3.79
CA LEU A 184 31.22 -28.42 -4.40
C LEU A 184 30.87 -28.41 -5.90
N LEU A 185 31.79 -28.92 -6.72
CA LEU A 185 31.57 -29.02 -8.15
C LEU A 185 30.75 -30.27 -8.46
N ASN A 186 29.90 -30.17 -9.49
CA ASN A 186 29.23 -31.33 -10.07
C ASN A 186 30.32 -32.33 -10.48
N TYR A 187 30.12 -33.59 -10.06
CA TYR A 187 31.09 -34.65 -10.30
C TYR A 187 31.36 -34.81 -11.80
N LYS A 188 30.34 -34.56 -12.63
CA LYS A 188 30.42 -34.84 -14.05
C LYS A 188 30.37 -33.54 -14.87
N ASN A 189 30.61 -32.39 -14.21
CA ASN A 189 30.54 -31.10 -14.89
C ASN A 189 31.24 -30.05 -14.04
N PRO A 190 32.50 -29.67 -14.36
CA PRO A 190 33.23 -28.70 -13.53
C PRO A 190 32.76 -27.24 -13.62
N ASP A 191 31.71 -26.98 -14.42
CA ASP A 191 31.19 -25.63 -14.59
C ASP A 191 29.89 -25.43 -13.78
N GLN A 192 29.56 -26.42 -12.94
CA GLN A 192 28.39 -26.32 -12.08
C GLN A 192 28.83 -26.43 -10.62
N VAL A 193 28.51 -25.41 -9.82
CA VAL A 193 28.88 -25.35 -8.42
C VAL A 193 27.61 -25.43 -7.58
N TYR A 194 27.72 -26.13 -6.44
CA TYR A 194 26.59 -26.40 -5.56
C TYR A 194 26.94 -25.98 -4.13
N LEU A 195 25.95 -25.44 -3.41
CA LEU A 195 26.11 -25.05 -2.02
C LEU A 195 25.60 -26.18 -1.13
N VAL A 196 26.44 -26.63 -0.18
CA VAL A 196 26.11 -27.75 0.68
C VAL A 196 26.17 -27.30 2.14
N ASP A 197 25.78 -28.23 3.03
CA ASP A 197 25.84 -28.07 4.48
C ASP A 197 24.76 -27.10 4.96
N TYR A 198 23.62 -27.67 5.36
CA TYR A 198 22.50 -26.93 5.90
C TYR A 198 22.24 -27.39 7.33
N GLY A 199 23.25 -28.03 7.94
CA GLY A 199 23.17 -28.48 9.32
C GLY A 199 22.92 -27.33 10.30
N LEU A 200 23.38 -26.13 9.95
CA LEU A 200 23.14 -24.95 10.79
C LEU A 200 22.46 -23.86 9.96
N ALA A 201 21.63 -24.27 8.99
CA ALA A 201 20.80 -23.34 8.23
C ALA A 201 19.65 -22.88 9.12
N TYR A 202 19.01 -21.78 8.73
CA TYR A 202 18.04 -21.14 9.59
C TYR A 202 16.76 -20.83 8.81
N ARG A 203 15.62 -21.26 9.37
CA ARG A 203 14.33 -20.94 8.79
C ARG A 203 13.90 -19.58 9.32
N TYR A 204 14.24 -18.54 8.54
CA TYR A 204 14.12 -17.15 8.96
C TYR A 204 12.67 -16.65 8.77
N CYS A 205 11.86 -17.41 8.05
CA CYS A 205 10.58 -16.91 7.58
C CYS A 205 9.52 -18.02 7.58
N PRO A 206 9.30 -18.73 8.72
CA PRO A 206 8.33 -19.82 8.76
C PRO A 206 6.92 -19.29 8.53
N GLU A 207 6.22 -19.89 7.55
CA GLU A 207 4.86 -19.53 7.21
C GLU A 207 4.78 -18.07 6.77
N GLY A 208 5.88 -17.56 6.21
CA GLY A 208 5.89 -16.23 5.61
C GLY A 208 6.06 -15.11 6.63
N VAL A 209 6.23 -15.44 7.92
CA VAL A 209 6.40 -14.44 8.96
C VAL A 209 7.90 -14.36 9.31
N HIS A 210 8.50 -13.20 9.02
CA HIS A 210 9.93 -12.97 9.23
C HIS A 210 10.21 -12.92 10.73
N LYS A 211 11.26 -13.63 11.16
CA LYS A 211 11.72 -13.58 12.54
C LYS A 211 12.13 -12.15 12.87
N ALA A 212 12.02 -11.78 14.15
CA ALA A 212 12.34 -10.44 14.60
C ALA A 212 13.85 -10.30 14.82
N TYR A 213 14.32 -9.05 14.84
CA TYR A 213 15.72 -8.73 15.09
C TYR A 213 16.06 -9.09 16.54
N ALA A 214 16.55 -10.32 16.74
CA ALA A 214 16.79 -10.87 18.06
C ALA A 214 17.55 -12.19 17.91
N ALA A 215 18.01 -12.73 19.06
CA ALA A 215 18.70 -14.00 19.08
C ALA A 215 17.70 -15.16 18.99
N ASP A 216 18.15 -16.27 18.40
CA ASP A 216 17.43 -17.53 18.48
C ASP A 216 18.12 -18.39 19.54
N PRO A 217 17.45 -18.71 20.68
CA PRO A 217 18.11 -19.41 21.78
C PRO A 217 18.42 -20.88 21.53
N LYS A 218 17.75 -21.47 20.52
CA LYS A 218 17.99 -22.85 20.11
C LYS A 218 19.04 -22.90 18.99
N ARG A 219 19.76 -21.80 18.79
CA ARG A 219 20.79 -21.70 17.77
C ARG A 219 22.03 -21.02 18.36
N CYS A 220 23.21 -21.57 18.04
CA CYS A 220 24.46 -21.04 18.55
C CYS A 220 25.53 -21.02 17.45
N HIS A 221 25.10 -20.93 16.19
CA HIS A 221 26.01 -20.88 15.05
C HIS A 221 26.22 -19.44 14.63
N ASP A 222 27.48 -18.98 14.68
CA ASP A 222 27.84 -17.63 14.28
C ASP A 222 28.42 -17.63 12.87
N GLY A 223 28.48 -18.81 12.23
CA GLY A 223 29.06 -18.95 10.90
C GLY A 223 30.57 -19.23 10.98
N THR A 224 31.30 -18.82 9.94
CA THR A 224 32.75 -18.83 9.92
C THR A 224 33.23 -17.40 10.14
N ILE A 225 34.15 -17.23 11.11
CA ILE A 225 34.46 -15.92 11.69
C ILE A 225 34.84 -14.93 10.60
N GLU A 226 35.70 -15.34 9.67
CA GLU A 226 36.25 -14.41 8.68
C GLU A 226 35.17 -13.91 7.72
N PHE A 227 34.11 -14.69 7.49
CA PHE A 227 33.14 -14.37 6.44
C PHE A 227 31.76 -14.01 7.01
N THR A 228 31.53 -14.24 8.31
CA THR A 228 30.18 -14.16 8.84
C THR A 228 29.69 -12.71 8.81
N SER A 229 28.36 -12.54 8.94
CA SER A 229 27.72 -11.25 8.81
C SER A 229 27.85 -10.44 10.09
N ILE A 230 27.65 -9.13 9.96
CA ILE A 230 27.62 -8.22 11.11
C ILE A 230 26.46 -8.60 12.03
N ASP A 231 25.33 -8.99 11.43
CA ASP A 231 24.16 -9.43 12.18
C ASP A 231 24.54 -10.60 13.09
N ALA A 232 25.20 -11.61 12.53
CA ALA A 232 25.61 -12.78 13.30
C ALA A 232 26.59 -12.37 14.40
N HIS A 233 27.51 -11.46 14.04
CA HIS A 233 28.44 -10.88 14.99
C HIS A 233 27.72 -10.23 16.17
N ASN A 234 26.57 -9.60 15.90
CA ASN A 234 25.82 -8.90 16.94
C ASN A 234 24.91 -9.87 17.70
N GLY A 235 24.99 -11.17 17.37
CA GLY A 235 24.28 -12.20 18.10
C GLY A 235 22.78 -12.24 17.78
N VAL A 236 22.40 -11.77 16.58
CA VAL A 236 21.03 -11.90 16.13
C VAL A 236 20.97 -13.02 15.10
N ALA A 237 19.77 -13.55 14.90
CA ALA A 237 19.56 -14.64 13.94
C ALA A 237 19.85 -14.14 12.53
N PRO A 238 20.44 -14.99 11.66
CA PRO A 238 20.76 -14.58 10.29
C PRO A 238 19.51 -14.34 9.44
N SER A 239 19.65 -13.43 8.46
CA SER A 239 18.58 -13.12 7.53
C SER A 239 19.18 -12.99 6.13
N ARG A 240 18.37 -12.53 5.17
CA ARG A 240 18.76 -12.56 3.78
C ARG A 240 19.97 -11.65 3.54
N ARG A 241 19.95 -10.44 4.09
CA ARG A 241 21.05 -9.51 3.87
C ARG A 241 22.36 -10.14 4.35
N GLY A 242 22.30 -10.87 5.46
CA GLY A 242 23.46 -11.54 6.03
C GLY A 242 24.12 -12.48 5.04
N ASP A 243 23.32 -13.25 4.30
CA ASP A 243 23.84 -14.19 3.33
C ASP A 243 24.58 -13.47 2.21
N LEU A 244 24.01 -12.35 1.74
CA LEU A 244 24.61 -11.61 0.64
C LEU A 244 25.92 -10.97 1.09
N GLU A 245 25.95 -10.53 2.35
CA GLU A 245 27.15 -9.92 2.93
C GLU A 245 28.27 -10.95 2.97
N ILE A 246 27.95 -12.18 3.39
CA ILE A 246 28.91 -13.26 3.44
C ILE A 246 29.51 -13.47 2.05
N LEU A 247 28.66 -13.44 1.02
CA LEU A 247 29.12 -13.62 -0.36
C LEU A 247 30.08 -12.49 -0.73
N GLY A 248 29.77 -11.27 -0.29
CA GLY A 248 30.64 -10.12 -0.50
C GLY A 248 32.07 -10.41 -0.05
N TYR A 249 32.21 -10.87 1.20
CA TYR A 249 33.52 -11.10 1.79
C TYR A 249 34.24 -12.21 1.05
N CYS A 250 33.50 -13.25 0.64
CA CYS A 250 34.06 -14.34 -0.14
C CYS A 250 34.65 -13.83 -1.45
N MET A 251 33.91 -12.98 -2.16
CA MET A 251 34.34 -12.48 -3.46
C MET A 251 35.68 -11.77 -3.32
N ILE A 252 35.85 -10.98 -2.25
CA ILE A 252 37.09 -10.27 -2.00
C ILE A 252 38.19 -11.27 -1.65
N GLN A 253 37.89 -12.22 -0.76
CA GLN A 253 38.82 -13.28 -0.41
C GLN A 253 39.34 -13.95 -1.67
N TRP A 254 38.41 -14.29 -2.60
CA TRP A 254 38.74 -15.06 -3.78
C TRP A 254 39.60 -14.26 -4.75
N LEU A 255 39.30 -12.96 -4.91
CA LEU A 255 40.02 -12.09 -5.83
C LEU A 255 41.43 -11.80 -5.30
N THR A 256 41.53 -11.37 -4.04
CA THR A 256 42.75 -10.76 -3.53
C THR A 256 43.59 -11.78 -2.76
N GLY A 257 42.97 -12.87 -2.31
CA GLY A 257 43.63 -13.84 -1.47
C GLY A 257 43.70 -13.40 0.00
N HIS A 258 43.01 -12.30 0.34
CA HIS A 258 43.11 -11.72 1.68
C HIS A 258 41.79 -11.05 2.08
N LEU A 259 41.62 -10.90 3.40
CA LEU A 259 40.65 -10.00 3.99
C LEU A 259 41.37 -9.15 5.03
N PRO A 260 40.95 -7.88 5.26
CA PRO A 260 41.66 -6.99 6.18
C PRO A 260 41.87 -7.53 7.60
N TRP A 261 40.93 -8.35 8.08
CA TRP A 261 40.87 -8.75 9.48
C TRP A 261 41.43 -10.15 9.69
N GLU A 262 42.10 -10.72 8.69
CA GLU A 262 42.47 -12.13 8.71
C GLU A 262 43.61 -12.40 9.71
N ASP A 263 44.22 -11.34 10.24
CA ASP A 263 45.34 -11.46 11.17
C ASP A 263 44.85 -11.61 12.61
N ASN A 264 43.54 -11.37 12.86
CA ASN A 264 42.99 -11.36 14.20
C ASN A 264 41.68 -12.14 14.26
N LEU A 265 41.67 -13.35 13.68
CA LEU A 265 40.47 -14.16 13.63
C LEU A 265 40.15 -14.77 15.00
N LYS A 266 41.12 -14.72 15.93
CA LYS A 266 40.93 -15.27 17.27
C LYS A 266 40.20 -14.27 18.16
N ASP A 267 40.01 -13.03 17.68
CA ASP A 267 39.23 -12.03 18.41
C ASP A 267 38.02 -11.60 17.58
N PRO A 268 36.81 -12.14 17.84
CA PRO A 268 35.61 -11.71 17.13
C PRO A 268 35.25 -10.22 17.28
N LYS A 269 35.63 -9.62 18.42
CA LYS A 269 35.42 -8.20 18.63
C LYS A 269 36.11 -7.40 17.53
N TYR A 270 37.38 -7.75 17.27
CA TYR A 270 38.19 -7.07 16.27
C TYR A 270 37.54 -7.22 14.90
N VAL A 271 37.13 -8.45 14.58
CA VAL A 271 36.58 -8.78 13.28
C VAL A 271 35.28 -8.01 13.06
N ARG A 272 34.39 -8.03 14.06
CA ARG A 272 33.14 -7.28 13.97
C ARG A 272 33.43 -5.79 13.79
N ASP A 273 34.34 -5.26 14.62
CA ASP A 273 34.65 -3.84 14.59
C ASP A 273 35.08 -3.43 13.19
N SER A 274 35.95 -4.25 12.60
CA SER A 274 36.54 -3.98 11.30
C SER A 274 35.45 -3.97 10.22
N LYS A 275 34.56 -4.97 10.27
CA LYS A 275 33.46 -5.07 9.32
C LYS A 275 32.50 -3.89 9.44
N ILE A 276 32.19 -3.49 10.68
CA ILE A 276 31.29 -2.35 10.90
C ILE A 276 31.90 -1.09 10.29
N ARG A 277 33.21 -0.89 10.46
CA ARG A 277 33.88 0.33 10.00
C ARG A 277 33.96 0.32 8.47
N TYR A 278 34.28 -0.83 7.88
CA TYR A 278 34.38 -0.96 6.43
C TYR A 278 33.00 -0.88 5.78
N ARG A 279 31.95 -1.31 6.48
CA ARG A 279 30.59 -1.14 6.00
C ARG A 279 30.26 0.35 5.88
N GLU A 280 30.71 1.13 6.86
CA GLU A 280 30.40 2.55 6.92
C GLU A 280 31.17 3.31 5.83
N ASN A 281 32.31 2.77 5.38
CA ASN A 281 33.11 3.39 4.32
C ASN A 281 33.63 2.32 3.38
N ILE A 282 32.90 2.07 2.29
CA ILE A 282 33.21 0.98 1.37
C ILE A 282 34.40 1.35 0.48
N ALA A 283 34.55 2.64 0.15
CA ALA A 283 35.69 3.11 -0.61
C ALA A 283 37.01 2.68 0.05
N SER A 284 37.10 2.79 1.37
CA SER A 284 38.34 2.47 2.07
C SER A 284 38.53 0.95 2.18
N LEU A 285 37.44 0.18 2.13
CA LEU A 285 37.53 -1.27 2.01
C LEU A 285 38.19 -1.63 0.67
N MET A 286 37.79 -0.94 -0.40
CA MET A 286 38.36 -1.18 -1.72
C MET A 286 39.83 -0.78 -1.73
N ASP A 287 40.15 0.38 -1.14
CA ASP A 287 41.52 0.88 -1.10
C ASP A 287 42.41 -0.09 -0.33
N LYS A 288 41.88 -0.65 0.77
CA LYS A 288 42.63 -1.59 1.59
C LYS A 288 42.82 -2.91 0.85
N CYS A 289 41.74 -3.43 0.24
CA CYS A 289 41.73 -4.77 -0.31
C CYS A 289 42.41 -4.82 -1.69
N PHE A 290 42.34 -3.71 -2.43
CA PHE A 290 43.04 -3.58 -3.69
C PHE A 290 44.13 -2.50 -3.53
N ASN A 294 43.45 0.16 -8.13
CA ASN A 294 42.26 0.01 -9.04
C ASN A 294 41.45 -1.22 -8.61
N ALA A 295 40.24 -0.97 -8.11
CA ALA A 295 39.37 -2.04 -7.62
C ALA A 295 38.20 -2.27 -8.58
N PRO A 296 37.61 -3.49 -8.61
CA PRO A 296 36.48 -3.79 -9.50
C PRO A 296 35.23 -3.03 -9.04
N GLY A 297 34.61 -2.29 -9.97
CA GLY A 297 33.47 -1.44 -9.67
C GLY A 297 32.27 -2.24 -9.18
N GLU A 298 32.04 -3.42 -9.78
CA GLU A 298 30.86 -4.21 -9.49
C GLU A 298 30.88 -4.71 -8.04
N ILE A 299 32.07 -5.04 -7.52
CA ILE A 299 32.20 -5.50 -6.14
C ILE A 299 31.78 -4.37 -5.19
N ALA A 300 32.32 -3.16 -5.43
CA ALA A 300 31.99 -2.00 -4.63
C ALA A 300 30.48 -1.72 -4.72
N LYS A 301 29.93 -1.76 -5.94
CA LYS A 301 28.52 -1.50 -6.15
C LYS A 301 27.69 -2.58 -5.45
N TYR A 302 28.15 -3.84 -5.56
CA TYR A 302 27.49 -4.96 -4.89
C TYR A 302 27.39 -4.69 -3.40
N MET A 303 28.53 -4.39 -2.77
CA MET A 303 28.59 -4.11 -1.33
C MET A 303 27.67 -2.94 -0.98
N GLU A 304 27.62 -1.92 -1.84
CA GLU A 304 26.82 -0.73 -1.59
C GLU A 304 25.32 -1.07 -1.58
N THR A 305 24.90 -1.99 -2.46
CA THR A 305 23.49 -2.35 -2.55
C THR A 305 23.07 -3.14 -1.32
N VAL A 306 23.92 -4.07 -0.87
CA VAL A 306 23.64 -4.93 0.26
C VAL A 306 23.51 -4.09 1.53
N LYS A 307 24.33 -3.02 1.61
CA LYS A 307 24.35 -2.12 2.76
C LYS A 307 22.98 -1.48 2.99
N LEU A 308 22.24 -1.24 1.91
CA LEU A 308 20.98 -0.51 1.96
C LEU A 308 19.85 -1.38 2.50
N LEU A 309 20.05 -2.70 2.56
CA LEU A 309 18.99 -3.63 2.89
C LEU A 309 18.70 -3.56 4.40
N ASP A 310 17.40 -3.45 4.72
CA ASP A 310 16.93 -3.62 6.08
C ASP A 310 16.95 -5.11 6.43
N TYR A 311 16.88 -5.40 7.74
CA TYR A 311 17.03 -6.75 8.26
C TYR A 311 16.02 -7.71 7.64
N THR A 312 14.77 -7.25 7.52
CA THR A 312 13.67 -8.08 7.05
C THR A 312 13.43 -7.89 5.55
N GLU A 313 14.27 -7.09 4.88
CA GLU A 313 14.01 -6.68 3.52
C GLU A 313 14.33 -7.80 2.54
N LYS A 314 13.50 -7.91 1.50
CA LYS A 314 13.68 -8.86 0.40
C LYS A 314 14.63 -8.27 -0.63
N PRO A 315 15.81 -8.89 -0.89
CA PRO A 315 16.73 -8.37 -1.89
C PRO A 315 16.17 -8.40 -3.31
N LEU A 316 16.60 -7.43 -4.13
CA LEU A 316 16.39 -7.46 -5.57
C LEU A 316 17.55 -8.22 -6.21
N TYR A 317 17.40 -9.55 -6.26
CA TYR A 317 18.47 -10.46 -6.66
C TYR A 317 18.87 -10.19 -8.11
N GLU A 318 17.91 -9.82 -8.95
CA GLU A 318 18.19 -9.60 -10.37
C GLU A 318 19.07 -8.36 -10.52
N ASN A 319 18.81 -7.33 -9.70
CA ASN A 319 19.64 -6.13 -9.69
C ASN A 319 21.08 -6.49 -9.30
N LEU A 320 21.22 -7.34 -8.28
CA LEU A 320 22.54 -7.77 -7.83
C LEU A 320 23.25 -8.56 -8.93
N ARG A 321 22.50 -9.35 -9.71
CA ARG A 321 23.08 -10.09 -10.81
C ARG A 321 23.46 -9.13 -11.94
N ASP A 322 22.59 -8.15 -12.25
CA ASP A 322 22.89 -7.16 -13.27
C ASP A 322 24.21 -6.46 -12.93
N ILE A 323 24.40 -6.13 -11.66
CA ILE A 323 25.61 -5.47 -11.18
C ILE A 323 26.82 -6.35 -11.50
N LEU A 324 26.72 -7.66 -11.27
CA LEU A 324 27.83 -8.56 -11.55
C LEU A 324 28.00 -8.73 -13.06
N LEU A 325 26.89 -8.66 -13.81
CA LEU A 325 26.94 -8.76 -15.27
C LEU A 325 27.78 -7.62 -15.86
N GLN A 326 27.70 -6.43 -15.26
CA GLN A 326 28.48 -5.29 -15.74
C GLN A 326 29.96 -5.59 -15.61
N GLY A 327 30.35 -6.26 -14.52
CA GLY A 327 31.72 -6.69 -14.31
C GLY A 327 32.22 -7.57 -15.46
N LEU A 328 31.37 -8.48 -15.95
CA LEU A 328 31.71 -9.37 -17.04
C LEU A 328 31.86 -8.59 -18.34
N LYS A 329 30.93 -7.65 -18.58
CA LYS A 329 30.94 -6.86 -19.80
C LYS A 329 32.16 -5.94 -19.82
N ALA A 330 32.68 -5.59 -18.65
CA ALA A 330 33.81 -4.69 -18.52
C ALA A 330 35.13 -5.41 -18.85
N ILE A 331 35.15 -6.74 -18.80
CA ILE A 331 36.35 -7.52 -19.11
C ILE A 331 36.18 -8.23 -20.45
N GLY A 332 35.18 -7.82 -21.24
CA GLY A 332 35.01 -8.31 -22.59
C GLY A 332 34.43 -9.72 -22.64
N SER A 333 33.68 -10.09 -21.59
CA SER A 333 33.09 -11.42 -21.50
C SER A 333 31.57 -11.32 -21.33
N LYS A 334 30.93 -12.47 -21.16
CA LYS A 334 29.49 -12.54 -20.96
C LYS A 334 29.20 -13.68 -19.98
N ASP A 335 27.92 -13.81 -19.59
CA ASP A 335 27.49 -14.93 -18.76
C ASP A 335 27.32 -16.17 -19.64
N ASP A 336 28.45 -16.86 -19.87
CA ASP A 336 28.48 -18.06 -20.68
C ASP A 336 28.42 -19.30 -19.79
N GLY A 337 28.42 -19.09 -18.46
CA GLY A 337 28.32 -20.19 -17.51
C GLY A 337 29.64 -20.95 -17.38
N LYS A 338 30.77 -20.30 -17.72
CA LYS A 338 32.08 -20.93 -17.67
C LYS A 338 32.84 -20.43 -16.44
N LEU A 339 33.10 -21.35 -15.50
CA LEU A 339 33.78 -21.01 -14.26
C LEU A 339 35.28 -20.82 -14.50
N ASP A 340 35.81 -21.47 -15.54
CA ASP A 340 37.20 -21.32 -15.95
C ASP A 340 38.12 -21.76 -14.81
N LEU A 341 37.91 -22.98 -14.33
CA LEU A 341 38.70 -23.56 -13.25
C LEU A 341 39.67 -24.60 -13.82
N PHE B 23 17.28 41.19 -15.91
CA PHE B 23 16.26 40.75 -16.91
C PHE B 23 15.00 41.59 -16.75
N ALA B 24 14.01 41.33 -17.61
CA ALA B 24 12.74 42.05 -17.59
C ALA B 24 11.61 41.11 -17.99
N VAL B 25 10.40 41.41 -17.51
CA VAL B 25 9.24 40.56 -17.68
C VAL B 25 8.92 40.43 -19.17
N GLY B 26 9.29 39.29 -19.77
CA GLY B 26 9.01 39.01 -21.17
C GLY B 26 10.25 38.52 -21.92
N GLU B 27 11.45 38.93 -21.44
CA GLU B 27 12.70 38.62 -22.11
C GLU B 27 12.90 37.10 -22.19
N ILE B 28 12.86 36.57 -23.43
CA ILE B 28 13.05 35.14 -23.66
C ILE B 28 14.52 34.80 -23.49
N ILE B 29 14.80 33.78 -22.67
CA ILE B 29 16.15 33.35 -22.36
C ILE B 29 16.38 31.95 -22.92
N THR B 30 17.63 31.69 -23.36
CA THR B 30 17.99 30.42 -23.99
C THR B 30 19.00 29.69 -23.12
N ASP B 31 18.68 28.45 -22.75
CA ASP B 31 19.56 27.61 -21.95
C ASP B 31 20.55 26.89 -22.87
N MET B 32 21.44 26.10 -22.28
CA MET B 32 22.47 25.37 -23.02
C MET B 32 21.86 24.18 -23.76
N ALA B 33 20.65 23.77 -23.37
CA ALA B 33 19.96 22.67 -24.04
C ALA B 33 19.06 23.17 -25.16
N ALA B 34 19.32 24.41 -25.62
CA ALA B 34 18.58 25.01 -26.73
C ALA B 34 17.08 24.98 -26.46
N ALA B 35 16.69 25.42 -25.24
CA ALA B 35 15.29 25.56 -24.88
C ALA B 35 15.04 27.00 -24.41
N ALA B 36 13.89 27.55 -24.82
CA ALA B 36 13.55 28.93 -24.51
C ALA B 36 12.69 29.00 -23.25
N TRP B 37 13.02 29.95 -22.36
CA TRP B 37 12.25 30.19 -21.15
C TRP B 37 11.79 31.65 -21.14
N LYS B 38 10.50 31.86 -20.83
CA LYS B 38 9.92 33.19 -20.70
C LYS B 38 9.93 33.60 -19.23
N VAL B 39 10.17 34.89 -18.97
CA VAL B 39 10.30 35.41 -17.63
C VAL B 39 8.96 36.01 -17.19
N GLY B 40 8.71 35.97 -15.87
CA GLY B 40 7.52 36.55 -15.27
C GLY B 40 7.89 37.68 -14.30
N LEU B 41 7.05 37.89 -13.28
CA LEU B 41 7.25 38.97 -12.33
C LEU B 41 8.36 38.60 -11.35
N PRO B 42 9.07 39.59 -10.76
CA PRO B 42 10.00 39.32 -9.67
C PRO B 42 9.30 38.91 -8.38
N ILE B 43 10.06 38.31 -7.45
CA ILE B 43 9.52 37.81 -6.19
C ILE B 43 10.50 38.11 -5.06
N CYS B 50 18.72 38.65 -7.96
CA CYS B 50 17.29 38.77 -8.33
C CYS B 50 16.75 37.40 -8.75
N ILE B 51 15.50 37.11 -8.34
CA ILE B 51 14.83 35.87 -8.67
C ILE B 51 13.48 36.20 -9.30
N TYR B 52 13.19 35.60 -10.45
CA TYR B 52 11.96 35.84 -11.18
C TYR B 52 11.22 34.53 -11.39
N LEU B 53 9.89 34.62 -11.57
CA LEU B 53 9.10 33.47 -11.98
C LEU B 53 9.47 33.14 -13.43
N ALA B 54 9.20 31.89 -13.83
CA ALA B 54 9.55 31.43 -15.17
C ALA B 54 8.67 30.25 -15.59
N ASP B 55 8.58 30.03 -16.90
CA ASP B 55 7.89 28.89 -17.47
C ASP B 55 8.42 28.67 -18.88
N MET B 56 8.23 27.45 -19.41
CA MET B 56 8.59 27.13 -20.78
C MET B 56 7.78 28.01 -21.73
N ASN B 57 8.42 28.42 -22.83
CA ASN B 57 7.87 29.44 -23.72
C ASN B 57 6.63 28.90 -24.42
N SER B 58 5.63 29.77 -24.61
CA SER B 58 4.39 29.42 -25.28
C SER B 58 3.61 30.70 -25.65
N SER B 64 1.15 33.63 -12.08
CA SER B 64 0.70 33.48 -10.67
C SER B 64 1.14 32.12 -10.12
N ASP B 65 0.68 31.04 -10.78
CA ASP B 65 0.94 29.69 -10.33
C ASP B 65 1.91 29.00 -11.29
N ALA B 66 3.03 29.68 -11.59
CA ALA B 66 4.05 29.14 -12.48
C ALA B 66 4.91 28.12 -11.72
N PRO B 67 5.40 27.05 -12.37
CA PRO B 67 6.09 25.96 -11.67
C PRO B 67 7.60 26.13 -11.50
N CYS B 68 8.19 27.14 -12.16
CA CYS B 68 9.62 27.34 -12.14
C CYS B 68 9.96 28.78 -11.76
N VAL B 69 11.26 29.00 -11.49
CA VAL B 69 11.81 30.32 -11.25
C VAL B 69 13.15 30.39 -11.97
N VAL B 70 13.72 31.60 -12.05
CA VAL B 70 15.01 31.80 -12.68
C VAL B 70 15.85 32.73 -11.79
N LYS B 71 17.07 32.27 -11.46
CA LYS B 71 18.05 33.07 -10.75
C LYS B 71 18.98 33.72 -11.78
N VAL B 72 19.37 34.98 -11.52
CA VAL B 72 20.18 35.74 -12.47
C VAL B 72 21.28 36.47 -11.72
N GLU B 73 22.51 36.42 -12.28
CA GLU B 73 23.66 37.11 -11.73
C GLU B 73 24.71 37.27 -12.84
N PRO B 74 25.60 38.29 -12.77
CA PRO B 74 26.83 38.30 -13.57
C PRO B 74 27.68 37.06 -13.35
N GLY B 78 29.80 34.92 -8.62
CA GLY B 78 30.55 34.05 -7.69
C GLY B 78 29.65 32.99 -7.06
N PRO B 79 28.63 33.39 -6.25
CA PRO B 79 27.70 32.43 -5.64
C PRO B 79 26.93 31.56 -6.64
N LEU B 80 26.39 32.19 -7.68
CA LEU B 80 25.56 31.50 -8.66
C LEU B 80 26.40 30.50 -9.46
N PHE B 81 27.70 30.78 -9.60
CA PHE B 81 28.62 29.88 -10.28
C PHE B 81 28.89 28.66 -9.40
N THR B 82 29.09 28.90 -8.10
CA THR B 82 29.30 27.84 -7.12
C THR B 82 28.08 26.92 -7.12
N GLU B 83 26.89 27.53 -7.16
CA GLU B 83 25.63 26.84 -7.08
C GLU B 83 25.42 25.97 -8.32
N LEU B 84 25.83 26.49 -9.48
CA LEU B 84 25.67 25.80 -10.75
C LEU B 84 26.51 24.53 -10.76
N LYS B 85 27.77 24.65 -10.31
CA LYS B 85 28.70 23.53 -10.29
C LYS B 85 28.19 22.43 -9.38
N PHE B 86 27.57 22.82 -8.24
CA PHE B 86 26.98 21.88 -7.32
C PHE B 86 25.88 21.08 -8.01
N TYR B 87 24.95 21.80 -8.66
CA TYR B 87 23.78 21.17 -9.24
C TYR B 87 24.17 20.24 -10.39
N GLN B 88 25.17 20.65 -11.18
CA GLN B 88 25.57 19.87 -12.35
C GLN B 88 26.30 18.59 -11.90
N ARG B 89 27.09 18.71 -10.82
CA ARG B 89 27.95 17.61 -10.38
C ARG B 89 27.20 16.65 -9.46
N ALA B 90 26.38 17.20 -8.54
CA ALA B 90 25.96 16.46 -7.35
C ALA B 90 24.45 16.32 -7.25
N ALA B 91 23.68 17.15 -7.97
CA ALA B 91 22.24 17.20 -7.79
C ALA B 91 21.50 17.22 -9.13
N LYS B 92 21.96 16.36 -10.05
CA LYS B 92 21.23 16.11 -11.28
C LYS B 92 19.94 15.36 -10.93
N PRO B 93 18.79 15.67 -11.60
CA PRO B 93 17.53 14.96 -11.34
C PRO B 93 17.61 13.44 -11.20
N GLU B 94 18.49 12.81 -11.99
CA GLU B 94 18.59 11.35 -12.02
C GLU B 94 19.31 10.83 -10.78
N GLN B 95 20.33 11.56 -10.30
CA GLN B 95 21.02 11.21 -9.07
C GLN B 95 20.04 11.24 -7.90
N ILE B 96 19.18 12.27 -7.87
CA ILE B 96 18.23 12.49 -6.79
C ILE B 96 17.22 11.35 -6.76
N GLN B 97 16.65 11.01 -7.94
CA GLN B 97 15.66 9.95 -8.04
C GLN B 97 16.29 8.62 -7.64
N LYS B 98 17.51 8.36 -8.11
CA LYS B 98 18.20 7.13 -7.76
C LYS B 98 18.32 7.02 -6.24
N TRP B 99 18.63 8.14 -5.56
CA TRP B 99 18.82 8.15 -4.13
C TRP B 99 17.51 7.93 -3.38
N ILE B 100 16.43 8.57 -3.84
CA ILE B 100 15.13 8.45 -3.20
C ILE B 100 14.65 7.01 -3.24
N ARG B 101 14.91 6.33 -4.37
CA ARG B 101 14.49 4.94 -4.55
C ARG B 101 15.26 4.06 -3.57
N THR B 102 16.59 4.15 -3.60
CA THR B 102 17.47 3.21 -2.93
C THR B 102 17.43 3.39 -1.41
N ARG B 103 17.21 4.63 -0.93
CA ARG B 103 17.11 4.90 0.49
CA ARG B 103 17.10 4.91 0.49
C ARG B 103 15.64 4.81 0.93
N LYS B 104 14.74 4.57 -0.02
CA LYS B 104 13.32 4.35 0.24
C LYS B 104 12.73 5.57 0.95
N LEU B 105 12.90 6.74 0.34
CA LEU B 105 12.42 7.99 0.90
C LEU B 105 11.11 8.39 0.21
N LYS B 106 10.28 9.17 0.91
CA LYS B 106 9.07 9.73 0.34
C LYS B 106 9.44 10.88 -0.61
N TYR B 107 10.43 11.69 -0.21
CA TYR B 107 10.97 12.72 -1.06
C TYR B 107 12.39 13.06 -0.57
N LEU B 108 13.09 13.92 -1.33
CA LEU B 108 14.37 14.46 -0.90
C LEU B 108 14.37 15.97 -1.17
N GLY B 109 14.63 16.76 -0.12
CA GLY B 109 14.47 18.20 -0.17
C GLY B 109 15.63 18.91 -0.87
N VAL B 110 16.06 18.38 -2.02
CA VAL B 110 16.99 19.05 -2.90
C VAL B 110 16.21 19.53 -4.13
N PRO B 111 16.22 20.84 -4.46
CA PRO B 111 15.48 21.34 -5.63
C PRO B 111 15.89 20.69 -6.95
N LYS B 112 15.00 20.79 -7.96
CA LYS B 112 15.27 20.30 -9.29
C LYS B 112 15.95 21.39 -10.11
N TYR B 113 17.07 21.03 -10.75
CA TYR B 113 17.76 21.87 -11.71
C TYR B 113 17.19 21.57 -13.10
N TRP B 114 16.60 22.59 -13.74
CA TRP B 114 15.93 22.45 -15.02
C TRP B 114 16.88 22.79 -16.17
N GLY B 115 17.68 23.85 -15.99
CA GLY B 115 18.63 24.27 -17.02
C GLY B 115 19.38 25.53 -16.59
N SER B 116 20.37 25.91 -17.41
CA SER B 116 21.18 27.09 -17.18
C SER B 116 21.70 27.63 -18.51
N GLY B 117 22.28 28.83 -18.47
CA GLY B 117 22.86 29.44 -19.66
C GLY B 117 23.25 30.89 -19.42
N LEU B 118 23.74 31.55 -20.48
CA LEU B 118 24.08 32.97 -20.43
C LEU B 118 23.05 33.76 -21.24
N HIS B 119 23.06 35.08 -21.04
CA HIS B 119 22.26 36.00 -21.85
C HIS B 119 22.88 37.39 -21.76
N ASP B 120 22.94 38.07 -22.92
CA ASP B 120 23.58 39.36 -23.03
C ASP B 120 22.52 40.47 -23.03
N LYS B 121 22.77 41.53 -22.24
CA LYS B 121 21.85 42.65 -22.12
C LYS B 121 22.14 43.66 -23.24
N TYR B 126 25.11 37.88 -18.22
CA TYR B 126 24.16 37.37 -17.18
C TYR B 126 24.05 35.86 -17.28
N ARG B 127 24.61 35.15 -16.29
CA ARG B 127 24.40 33.72 -16.11
C ARG B 127 23.10 33.51 -15.36
N PHE B 128 22.34 32.45 -15.70
CA PHE B 128 21.06 32.19 -15.06
C PHE B 128 20.88 30.69 -14.83
N MET B 129 19.90 30.37 -13.98
CA MET B 129 19.52 29.00 -13.67
C MET B 129 18.00 28.90 -13.55
N ILE B 130 17.41 27.86 -14.15
CA ILE B 130 16.00 27.56 -13.98
C ILE B 130 15.87 26.54 -12.84
N MET B 131 15.04 26.87 -11.85
CA MET B 131 14.86 26.03 -10.68
C MET B 131 13.37 25.87 -10.38
N ASP B 132 13.05 24.94 -9.48
CA ASP B 132 11.68 24.72 -9.02
C ASP B 132 11.12 25.99 -8.40
N ARG B 133 9.79 26.12 -8.45
CA ARG B 133 9.07 27.12 -7.70
C ARG B 133 8.51 26.46 -6.44
N PHE B 134 8.77 27.08 -5.28
CA PHE B 134 8.29 26.57 -4.01
C PHE B 134 7.23 27.50 -3.46
N GLY B 135 6.72 27.18 -2.27
CA GLY B 135 5.84 28.07 -1.52
C GLY B 135 6.66 28.95 -0.57
N SER B 136 6.11 29.18 0.63
CA SER B 136 6.70 30.08 1.61
C SER B 136 8.02 29.50 2.14
N ASP B 137 8.90 30.38 2.61
CA ASP B 137 10.08 29.98 3.36
C ASP B 137 9.69 29.83 4.83
N LEU B 138 10.53 29.14 5.60
CA LEU B 138 10.22 28.84 7.00
C LEU B 138 10.40 30.08 7.87
N GLN B 139 11.21 31.05 7.42
CA GLN B 139 11.47 32.23 8.22
C GLN B 139 10.17 33.03 8.39
N LYS B 140 9.43 33.20 7.29
CA LYS B 140 8.15 33.90 7.30
C LYS B 140 7.19 33.22 8.27
N ILE B 141 7.10 31.88 8.19
CA ILE B 141 6.18 31.10 9.01
C ILE B 141 6.62 31.20 10.47
N TYR B 142 7.93 31.13 10.71
CA TYR B 142 8.51 31.24 12.03
C TYR B 142 8.10 32.56 12.69
N GLU B 143 8.21 33.65 11.92
CA GLU B 143 7.86 34.98 12.40
C GLU B 143 6.36 35.06 12.70
N ALA B 144 5.54 34.41 11.87
CA ALA B 144 4.09 34.43 12.02
C ALA B 144 3.66 33.75 13.32
N ASN B 145 4.41 32.73 13.76
CA ASN B 145 4.11 32.03 14.99
C ASN B 145 4.90 32.62 16.16
N ALA B 146 5.27 33.91 16.06
CA ALA B 146 5.98 34.63 17.11
C ALA B 146 7.33 33.98 17.41
N LYS B 147 8.03 33.56 16.34
CA LYS B 147 9.38 33.04 16.43
C LYS B 147 9.43 31.82 17.35
N ARG B 148 8.49 30.89 17.15
CA ARG B 148 8.49 29.62 17.85
C ARG B 148 7.96 28.53 16.91
N PHE B 149 8.69 27.41 16.85
CA PHE B 149 8.18 26.18 16.27
C PHE B 149 8.04 25.16 17.40
N SER B 150 7.02 24.31 17.30
CA SER B 150 6.81 23.24 18.27
C SER B 150 7.95 22.23 18.20
N ARG B 151 8.10 21.46 19.28
CA ARG B 151 9.09 20.39 19.36
C ARG B 151 8.87 19.40 18.23
N LYS B 152 7.60 19.03 18.00
CA LYS B 152 7.21 18.14 16.93
C LYS B 152 7.74 18.66 15.59
N THR B 153 7.51 19.95 15.34
CA THR B 153 7.88 20.57 14.07
C THR B 153 9.39 20.49 13.87
N VAL B 154 10.13 20.88 14.92
CA VAL B 154 11.58 20.98 14.83
C VAL B 154 12.17 19.58 14.56
N LEU B 155 11.66 18.57 15.27
CA LEU B 155 12.15 17.22 15.11
C LEU B 155 11.87 16.72 13.70
N GLN B 156 10.66 17.02 13.18
CA GLN B 156 10.25 16.58 11.86
C GLN B 156 11.06 17.33 10.79
N LEU B 157 11.31 18.62 11.01
CA LEU B 157 12.14 19.41 10.12
C LEU B 157 13.54 18.81 10.06
N SER B 158 14.10 18.52 11.24
CA SER B 158 15.50 18.13 11.37
C SER B 158 15.75 16.79 10.68
N LEU B 159 14.80 15.86 10.81
CA LEU B 159 14.91 14.54 10.18
C LEU B 159 15.05 14.70 8.67
N ARG B 160 14.23 15.58 8.09
CA ARG B 160 14.24 15.80 6.65
C ARG B 160 15.55 16.49 6.23
N ILE B 161 16.04 17.40 7.08
CA ILE B 161 17.27 18.11 6.77
C ILE B 161 18.45 17.14 6.86
N LEU B 162 18.42 16.24 7.85
CA LEU B 162 19.43 15.19 7.94
C LEU B 162 19.49 14.40 6.63
N ASP B 163 18.33 14.11 6.04
CA ASP B 163 18.26 13.39 4.77
C ASP B 163 19.00 14.18 3.68
N ILE B 164 18.73 15.49 3.61
CA ILE B 164 19.36 16.35 2.62
C ILE B 164 20.87 16.37 2.84
N LEU B 165 21.29 16.50 4.10
CA LEU B 165 22.70 16.64 4.42
C LEU B 165 23.45 15.38 4.06
N GLU B 166 22.88 14.21 4.39
CA GLU B 166 23.51 12.94 4.04
C GLU B 166 23.66 12.85 2.53
N TYR B 167 22.61 13.25 1.79
CA TYR B 167 22.65 13.21 0.34
C TYR B 167 23.88 14.00 -0.13
N ILE B 168 23.96 15.28 0.24
CA ILE B 168 24.98 16.15 -0.33
C ILE B 168 26.36 15.75 0.17
N HIS B 169 26.48 15.33 1.45
CA HIS B 169 27.75 14.92 2.00
C HIS B 169 28.34 13.74 1.22
N GLU B 170 27.48 12.80 0.84
CA GLU B 170 27.90 11.64 0.07
C GLU B 170 28.19 12.01 -1.39
N HIS B 171 27.77 13.22 -1.80
CA HIS B 171 28.09 13.73 -3.13
C HIS B 171 29.15 14.82 -3.05
N GLU B 172 29.93 14.81 -1.96
CA GLU B 172 31.20 15.51 -1.85
C GLU B 172 31.02 16.98 -1.44
N TYR B 173 29.81 17.36 -1.03
CA TYR B 173 29.48 18.76 -0.78
C TYR B 173 28.90 18.96 0.62
N VAL B 174 29.19 20.15 1.20
CA VAL B 174 28.54 20.64 2.40
C VAL B 174 27.86 21.96 2.04
N HIS B 175 26.78 22.29 2.76
CA HIS B 175 25.97 23.46 2.47
C HIS B 175 26.57 24.70 3.15
N GLY B 176 26.77 24.61 4.47
CA GLY B 176 27.48 25.64 5.22
C GLY B 176 26.61 26.83 5.63
N ASP B 177 25.29 26.77 5.39
CA ASP B 177 24.44 27.92 5.66
C ASP B 177 22.97 27.50 5.80
N ILE B 178 22.73 26.45 6.60
CA ILE B 178 21.38 26.01 6.91
C ILE B 178 20.73 27.06 7.81
N LYS B 179 19.52 27.49 7.43
CA LYS B 179 18.73 28.42 8.22
C LYS B 179 17.32 28.48 7.62
N ALA B 180 16.38 29.07 8.36
CA ALA B 180 14.97 29.01 8.03
C ALA B 180 14.68 29.68 6.68
N SER B 181 15.43 30.75 6.36
CA SER B 181 15.21 31.48 5.12
C SER B 181 15.75 30.71 3.92
N ASN B 182 16.53 29.66 4.17
CA ASN B 182 17.05 28.78 3.11
C ASN B 182 16.23 27.49 3.05
N LEU B 183 15.09 27.47 3.75
CA LEU B 183 14.22 26.30 3.76
C LEU B 183 12.84 26.70 3.24
N LEU B 184 12.45 26.12 2.10
CA LEU B 184 11.21 26.45 1.41
C LEU B 184 10.31 25.22 1.35
N LEU B 185 8.99 25.44 1.44
CA LEU B 185 8.01 24.37 1.37
C LEU B 185 7.65 24.12 -0.09
N ASN B 186 7.39 22.84 -0.41
CA ASN B 186 6.87 22.46 -1.72
C ASN B 186 5.60 23.29 -1.99
N TYR B 187 5.48 23.82 -3.21
CA TYR B 187 4.33 24.63 -3.59
C TYR B 187 3.04 23.83 -3.45
N LYS B 188 3.10 22.53 -3.77
CA LYS B 188 1.92 21.67 -3.82
C LYS B 188 1.83 20.76 -2.59
N ASN B 189 2.75 20.91 -1.62
CA ASN B 189 2.75 20.03 -0.46
C ASN B 189 3.49 20.70 0.71
N PRO B 190 2.77 21.23 1.72
CA PRO B 190 3.42 21.93 2.83
C PRO B 190 4.02 21.09 3.95
N ASP B 191 4.07 19.77 3.76
CA ASP B 191 4.77 18.86 4.66
C ASP B 191 6.14 18.49 4.09
N GLN B 192 6.47 19.02 2.91
CA GLN B 192 7.76 18.75 2.28
C GLN B 192 8.58 20.04 2.24
N VAL B 193 9.79 19.98 2.82
CA VAL B 193 10.66 21.13 2.95
C VAL B 193 11.96 20.85 2.21
N TYR B 194 12.43 21.88 1.48
CA TYR B 194 13.62 21.80 0.66
C TYR B 194 14.67 22.78 1.18
N LEU B 195 15.96 22.40 1.06
CA LEU B 195 17.07 23.28 1.38
C LEU B 195 17.58 23.92 0.09
N VAL B 196 17.57 25.26 0.05
CA VAL B 196 17.96 26.00 -1.14
C VAL B 196 19.23 26.81 -0.85
N ASP B 197 19.75 27.43 -1.91
CA ASP B 197 20.84 28.40 -1.86
C ASP B 197 22.15 27.68 -1.53
N TYR B 198 22.76 27.10 -2.56
CA TYR B 198 24.05 26.43 -2.44
C TYR B 198 25.16 27.39 -2.86
N GLY B 199 24.94 28.69 -2.62
CA GLY B 199 25.91 29.72 -2.98
C GLY B 199 27.21 29.61 -2.18
N LEU B 200 27.12 29.13 -0.93
CA LEU B 200 28.30 28.94 -0.10
C LEU B 200 28.68 27.46 -0.04
N ALA B 201 28.03 26.62 -0.85
CA ALA B 201 28.32 25.20 -0.85
C ALA B 201 29.80 24.99 -1.14
N TYR B 202 30.40 23.94 -0.55
CA TYR B 202 31.82 23.72 -0.68
C TYR B 202 32.08 22.23 -0.93
N ARG B 203 32.96 21.96 -1.88
CA ARG B 203 33.30 20.59 -2.23
C ARG B 203 34.43 20.12 -1.31
N TYR B 204 34.03 19.53 -0.17
CA TYR B 204 34.94 19.24 0.93
C TYR B 204 35.74 17.96 0.64
N CYS B 205 35.24 17.13 -0.29
CA CYS B 205 35.78 15.80 -0.49
C CYS B 205 35.91 15.50 -1.97
N PRO B 206 36.72 16.26 -2.75
CA PRO B 206 36.91 15.98 -4.17
C PRO B 206 37.53 14.61 -4.42
N GLU B 207 36.77 13.75 -5.13
CA GLU B 207 37.19 12.40 -5.50
C GLU B 207 37.51 11.57 -4.26
N GLY B 208 36.75 11.77 -3.18
CA GLY B 208 36.89 10.98 -1.96
C GLY B 208 38.12 11.36 -1.13
N VAL B 209 38.78 12.48 -1.47
CA VAL B 209 39.93 12.96 -0.73
C VAL B 209 39.48 14.16 0.10
N HIS B 210 39.49 14.00 1.43
CA HIS B 210 39.01 15.04 2.34
C HIS B 210 40.04 16.17 2.41
N LYS B 211 39.55 17.41 2.29
CA LYS B 211 40.33 18.61 2.52
C LYS B 211 40.95 18.58 3.92
N ALA B 212 42.25 18.86 4.02
CA ALA B 212 42.95 18.86 5.29
C ALA B 212 42.55 20.09 6.11
N TYR B 213 42.58 19.94 7.45
CA TYR B 213 42.29 21.04 8.36
C TYR B 213 43.32 22.15 8.17
N ALA B 214 42.83 23.37 7.99
CA ALA B 214 43.67 24.53 7.78
C ALA B 214 42.86 25.79 8.10
N ALA B 215 43.43 26.70 8.90
CA ALA B 215 42.80 27.97 9.22
C ALA B 215 43.37 29.05 8.31
N ASP B 216 42.48 29.71 7.56
CA ASP B 216 42.85 30.78 6.65
C ASP B 216 42.17 32.05 7.14
N PRO B 217 42.92 33.14 7.41
CA PRO B 217 42.32 34.37 7.92
C PRO B 217 41.32 35.06 6.98
N LYS B 218 41.37 34.74 5.68
CA LYS B 218 40.42 35.26 4.73
C LYS B 218 39.04 34.63 4.90
N ARG B 219 38.99 33.42 5.48
CA ARG B 219 37.77 32.61 5.54
C ARG B 219 36.97 32.83 6.82
N CYS B 220 37.56 33.48 7.82
CA CYS B 220 36.93 33.57 9.14
C CYS B 220 35.53 34.16 9.01
N HIS B 221 34.57 33.49 9.66
CA HIS B 221 33.19 33.96 9.79
C HIS B 221 32.40 33.80 8.48
N ASP B 222 32.79 32.81 7.66
CA ASP B 222 31.95 32.38 6.55
C ASP B 222 30.59 31.97 7.07
N GLY B 223 29.55 32.20 6.25
CA GLY B 223 28.20 31.78 6.58
C GLY B 223 27.43 32.89 7.29
N THR B 224 26.34 32.50 7.97
CA THR B 224 25.52 33.41 8.75
C THR B 224 26.01 33.38 10.20
N ILE B 225 26.38 34.55 10.73
CA ILE B 225 27.22 34.67 11.92
C ILE B 225 26.57 33.95 13.10
N GLU B 226 25.24 34.10 13.26
CA GLU B 226 24.54 33.55 14.41
C GLU B 226 24.49 32.02 14.34
N PHE B 227 24.49 31.43 13.13
CA PHE B 227 24.28 30.00 12.98
C PHE B 227 25.55 29.27 12.54
N THR B 228 26.59 29.97 12.09
CA THR B 228 27.71 29.35 11.42
C THR B 228 28.54 28.53 12.41
N SER B 229 29.38 27.63 11.88
CA SER B 229 30.12 26.68 12.69
C SER B 229 31.35 27.32 13.31
N ILE B 230 31.88 26.66 14.35
CA ILE B 230 33.12 27.07 14.99
C ILE B 230 34.26 27.00 13.97
N ASP B 231 34.29 25.91 13.18
CA ASP B 231 35.26 25.77 12.12
C ASP B 231 35.25 27.01 11.22
N ALA B 232 34.04 27.44 10.82
CA ALA B 232 33.89 28.58 9.92
C ALA B 232 34.42 29.85 10.58
N HIS B 233 34.08 30.05 11.87
CA HIS B 233 34.58 31.18 12.64
C HIS B 233 36.11 31.22 12.63
N ASN B 234 36.75 30.04 12.71
CA ASN B 234 38.18 29.91 12.83
C ASN B 234 38.89 30.04 11.48
N GLY B 235 38.13 30.23 10.40
CA GLY B 235 38.70 30.38 9.07
C GLY B 235 39.00 29.03 8.41
N VAL B 236 38.35 27.97 8.90
CA VAL B 236 38.54 26.63 8.38
C VAL B 236 37.45 26.34 7.37
N ALA B 237 37.82 25.70 6.25
CA ALA B 237 36.85 25.31 5.23
C ALA B 237 35.80 24.40 5.87
N PRO B 238 34.50 24.57 5.54
CA PRO B 238 33.43 23.81 6.18
C PRO B 238 33.52 22.33 5.83
N SER B 239 33.11 21.48 6.79
CA SER B 239 33.04 20.04 6.61
C SER B 239 31.72 19.53 7.19
N ARG B 240 31.58 18.21 7.29
CA ARG B 240 30.29 17.62 7.64
C ARG B 240 29.85 18.02 9.04
N ARG B 241 30.77 18.00 10.01
CA ARG B 241 30.41 18.28 11.39
C ARG B 241 29.84 19.70 11.47
N GLY B 242 30.41 20.61 10.68
CA GLY B 242 29.95 21.99 10.62
C GLY B 242 28.48 22.09 10.23
N ASP B 243 28.07 21.35 9.20
CA ASP B 243 26.68 21.36 8.76
C ASP B 243 25.77 20.93 9.90
N LEU B 244 26.18 19.89 10.65
CA LEU B 244 25.37 19.34 11.72
C LEU B 244 25.31 20.31 12.88
N GLU B 245 26.43 20.99 13.15
CA GLU B 245 26.49 22.00 14.19
C GLU B 245 25.51 23.13 13.87
N ILE B 246 25.53 23.61 12.61
CA ILE B 246 24.66 24.69 12.18
C ILE B 246 23.20 24.30 12.44
N LEU B 247 22.84 23.06 12.09
CA LEU B 247 21.50 22.55 12.29
C LEU B 247 21.15 22.60 13.78
N GLY B 248 22.13 22.24 14.63
CA GLY B 248 21.96 22.27 16.07
C GLY B 248 21.53 23.66 16.57
N TYR B 249 22.24 24.69 16.10
CA TYR B 249 21.94 26.05 16.53
C TYR B 249 20.57 26.47 15.99
N CYS B 250 20.25 26.07 14.76
CA CYS B 250 18.94 26.34 14.18
C CYS B 250 17.85 25.77 15.07
N MET B 251 18.01 24.50 15.48
CA MET B 251 17.01 23.81 16.27
C MET B 251 16.73 24.57 17.57
N ILE B 252 17.79 25.04 18.24
CA ILE B 252 17.63 25.79 19.48
C ILE B 252 16.91 27.11 19.20
N GLN B 253 17.29 27.78 18.11
CA GLN B 253 16.67 29.03 17.69
C GLN B 253 15.17 28.81 17.50
N TRP B 254 14.81 27.71 16.84
CA TRP B 254 13.41 27.46 16.49
C TRP B 254 12.58 27.16 17.74
N LEU B 255 13.16 26.47 18.72
CA LEU B 255 12.45 26.05 19.92
C LEU B 255 12.24 27.22 20.88
N THR B 256 13.27 28.09 21.02
CA THR B 256 13.31 29.04 22.12
C THR B 256 13.12 30.48 21.63
N GLY B 257 13.35 30.72 20.33
CA GLY B 257 13.27 32.05 19.77
C GLY B 257 14.55 32.86 19.96
N HIS B 258 15.59 32.25 20.54
CA HIS B 258 16.80 32.99 20.89
C HIS B 258 18.04 32.11 20.79
N LEU B 259 19.19 32.77 20.68
CA LEU B 259 20.49 32.13 20.89
C LEU B 259 21.30 33.00 21.84
N PRO B 260 22.18 32.42 22.70
CA PRO B 260 22.88 33.20 23.72
C PRO B 260 23.70 34.40 23.22
N TRP B 261 24.20 34.30 21.98
CA TRP B 261 25.16 35.26 21.43
C TRP B 261 24.46 36.28 20.53
N GLU B 262 23.13 36.30 20.54
CA GLU B 262 22.37 37.12 19.59
C GLU B 262 22.48 38.59 19.96
N ASP B 263 23.00 38.87 21.17
CA ASP B 263 23.05 40.21 21.73
C ASP B 263 24.17 41.02 21.08
N ASN B 264 25.19 40.35 20.52
CA ASN B 264 26.38 41.03 20.04
C ASN B 264 26.91 40.30 18.80
N LEU B 265 26.08 40.27 17.75
CA LEU B 265 26.43 39.63 16.48
C LEU B 265 27.39 40.53 15.69
N LYS B 266 27.51 41.80 16.09
CA LYS B 266 28.46 42.72 15.48
C LYS B 266 29.88 42.49 15.99
N ASP B 267 30.04 41.56 16.94
CA ASP B 267 31.36 41.20 17.47
C ASP B 267 31.64 39.74 17.12
N PRO B 268 32.30 39.44 15.98
CA PRO B 268 32.49 38.06 15.52
C PRO B 268 33.32 37.18 16.47
N LYS B 269 34.34 37.77 17.12
CA LYS B 269 35.18 37.02 18.04
C LYS B 269 34.36 36.56 19.25
N TYR B 270 33.47 37.43 19.74
CA TYR B 270 32.58 37.09 20.85
C TYR B 270 31.69 35.90 20.48
N VAL B 271 31.12 35.93 19.27
CA VAL B 271 30.22 34.87 18.83
C VAL B 271 30.99 33.54 18.80
N ARG B 272 32.18 33.57 18.21
CA ARG B 272 33.07 32.40 18.16
C ARG B 272 33.34 31.89 19.57
N ASP B 273 33.83 32.78 20.45
CA ASP B 273 34.27 32.39 21.78
C ASP B 273 33.09 31.86 22.59
N SER B 274 31.92 32.45 22.39
CA SER B 274 30.70 32.03 23.06
C SER B 274 30.33 30.61 22.64
N LYS B 275 30.38 30.32 21.34
CA LYS B 275 30.09 29.00 20.82
C LYS B 275 31.10 27.98 21.31
N ILE B 276 32.39 28.35 21.32
CA ILE B 276 33.43 27.45 21.81
C ILE B 276 33.18 27.12 23.28
N ARG B 277 32.75 28.13 24.05
CA ARG B 277 32.53 27.99 25.48
C ARG B 277 31.35 27.05 25.74
N TYR B 278 30.28 27.21 24.95
CA TYR B 278 29.07 26.43 25.12
C TYR B 278 29.23 25.02 24.53
N ARG B 279 30.25 24.83 23.69
CA ARG B 279 30.60 23.49 23.21
C ARG B 279 31.37 22.74 24.29
N GLU B 280 32.26 23.45 25.00
CA GLU B 280 33.00 22.87 26.11
C GLU B 280 32.03 22.40 27.21
N ASN B 281 30.93 23.13 27.39
CA ASN B 281 29.97 22.83 28.44
C ASN B 281 28.56 22.92 27.86
N ILE B 282 28.08 21.80 27.33
CA ILE B 282 26.78 21.73 26.68
C ILE B 282 25.66 21.87 27.72
N ALA B 283 25.91 21.37 28.95
CA ALA B 283 24.99 21.55 30.06
C ALA B 283 24.68 23.03 30.29
N SER B 284 25.70 23.87 30.24
CA SER B 284 25.51 25.31 30.42
C SER B 284 24.76 25.91 29.24
N LEU B 285 24.93 25.33 28.05
CA LEU B 285 24.19 25.77 26.87
C LEU B 285 22.70 25.51 27.06
N MET B 286 22.35 24.31 27.54
CA MET B 286 20.96 23.92 27.75
C MET B 286 20.33 24.77 28.85
N ASP B 287 21.06 24.99 29.95
CA ASP B 287 20.59 25.80 31.06
C ASP B 287 20.35 27.24 30.59
N LYS B 288 21.20 27.74 29.69
CA LYS B 288 21.09 29.09 29.17
C LYS B 288 19.87 29.21 28.27
N CYS B 289 19.71 28.29 27.32
CA CYS B 289 18.74 28.42 26.25
C CYS B 289 17.35 27.97 26.68
N PHE B 290 17.28 27.15 27.73
CA PHE B 290 16.00 26.69 28.26
C PHE B 290 15.84 27.20 29.70
N ASN B 294 14.16 22.53 31.85
CA ASN B 294 13.37 21.56 31.04
C ASN B 294 13.86 21.55 29.60
N ALA B 295 15.14 21.20 29.41
CA ALA B 295 15.73 21.09 28.08
C ALA B 295 15.32 19.76 27.45
N PRO B 296 14.91 19.72 26.16
CA PRO B 296 14.63 18.46 25.47
C PRO B 296 15.89 17.62 25.37
N GLY B 297 15.81 16.37 25.85
CA GLY B 297 16.95 15.48 25.97
C GLY B 297 17.64 15.24 24.62
N GLU B 298 16.84 15.16 23.55
CA GLU B 298 17.36 14.83 22.23
C GLU B 298 18.21 15.98 21.66
N ILE B 299 17.93 17.22 22.08
CA ILE B 299 18.74 18.35 21.66
C ILE B 299 20.11 18.24 22.32
N ALA B 300 20.13 17.90 23.61
CA ALA B 300 21.37 17.77 24.36
C ALA B 300 22.22 16.64 23.79
N LYS B 301 21.59 15.49 23.51
CA LYS B 301 22.29 14.34 22.97
C LYS B 301 22.82 14.65 21.57
N TYR B 302 22.01 15.33 20.75
CA TYR B 302 22.43 15.74 19.42
C TYR B 302 23.69 16.59 19.50
N MET B 303 23.70 17.60 20.37
CA MET B 303 24.85 18.47 20.51
C MET B 303 26.06 17.70 21.03
N GLU B 304 25.83 16.77 21.97
CA GLU B 304 26.90 15.95 22.51
C GLU B 304 27.49 15.07 21.40
N THR B 305 26.63 14.59 20.50
CA THR B 305 27.06 13.67 19.46
C THR B 305 27.88 14.42 18.42
N VAL B 306 27.40 15.61 18.02
CA VAL B 306 28.10 16.43 17.04
C VAL B 306 29.45 16.86 17.58
N LYS B 307 29.54 17.06 18.90
CA LYS B 307 30.77 17.49 19.54
C LYS B 307 31.86 16.41 19.43
N LEU B 308 31.45 15.14 19.34
CA LEU B 308 32.38 14.03 19.26
C LEU B 308 33.02 13.95 17.87
N LEU B 309 32.44 14.62 16.87
CA LEU B 309 32.94 14.52 15.50
C LEU B 309 34.24 15.28 15.36
N ASP B 310 35.27 14.59 14.85
CA ASP B 310 36.47 15.21 14.33
C ASP B 310 36.19 15.78 12.94
N TYR B 311 37.15 16.59 12.45
CA TYR B 311 36.93 17.47 11.30
C TYR B 311 36.64 16.68 10.04
N THR B 312 37.35 15.56 9.83
CA THR B 312 37.23 14.76 8.62
C THR B 312 36.29 13.57 8.83
N GLU B 313 35.70 13.44 10.02
CA GLU B 313 35.01 12.23 10.41
C GLU B 313 33.65 12.15 9.72
N LYS B 314 33.31 10.95 9.21
CA LYS B 314 31.99 10.71 8.65
C LYS B 314 31.01 10.54 9.81
N PRO B 315 29.89 11.31 9.84
CA PRO B 315 28.87 11.13 10.86
C PRO B 315 28.12 9.80 10.72
N LEU B 316 27.75 9.21 11.88
CA LEU B 316 26.80 8.13 11.94
C LEU B 316 25.39 8.71 11.87
N TYR B 317 24.90 8.92 10.64
CA TYR B 317 23.66 9.64 10.40
C TYR B 317 22.46 8.89 11.00
N GLU B 318 22.53 7.55 11.01
CA GLU B 318 21.46 6.73 11.55
C GLU B 318 21.36 6.93 13.07
N ASN B 319 22.52 7.08 13.74
CA ASN B 319 22.55 7.34 15.17
C ASN B 319 21.90 8.70 15.47
N LEU B 320 22.14 9.71 14.62
CA LEU B 320 21.60 11.04 14.82
C LEU B 320 20.08 11.04 14.61
N ARG B 321 19.59 10.24 13.66
CA ARG B 321 18.16 10.12 13.43
C ARG B 321 17.48 9.42 14.60
N ASP B 322 18.11 8.36 15.12
CA ASP B 322 17.58 7.65 16.28
C ASP B 322 17.37 8.62 17.45
N ILE B 323 18.35 9.50 17.67
CA ILE B 323 18.26 10.49 18.74
C ILE B 323 17.01 11.35 18.55
N LEU B 324 16.77 11.83 17.33
CA LEU B 324 15.61 12.68 17.05
C LEU B 324 14.32 11.86 17.12
N LEU B 325 14.40 10.56 16.79
CA LEU B 325 13.24 9.68 16.84
C LEU B 325 12.85 9.39 18.28
N GLN B 326 13.85 9.22 19.16
CA GLN B 326 13.60 9.02 20.58
C GLN B 326 12.91 10.24 21.16
N GLY B 327 13.18 11.42 20.58
CA GLY B 327 12.50 12.65 20.95
C GLY B 327 11.02 12.64 20.57
N LEU B 328 10.70 12.10 19.39
CA LEU B 328 9.32 12.00 18.93
C LEU B 328 8.55 11.02 19.83
N LYS B 329 9.20 9.93 20.24
CA LYS B 329 8.59 8.97 21.14
C LYS B 329 8.27 9.62 22.48
N ALA B 330 9.16 10.51 22.95
CA ALA B 330 9.03 11.12 24.27
C ALA B 330 7.80 12.00 24.38
N ILE B 331 7.31 12.54 23.25
CA ILE B 331 6.15 13.42 23.26
C ILE B 331 4.90 12.67 22.76
N GLY B 332 4.99 11.34 22.66
CA GLY B 332 3.86 10.51 22.28
C GLY B 332 3.52 10.65 20.79
N SER B 333 4.56 10.78 19.96
CA SER B 333 4.40 10.98 18.52
C SER B 333 5.36 10.05 17.77
N LYS B 334 5.31 10.10 16.43
CA LYS B 334 6.17 9.28 15.59
C LYS B 334 6.53 10.06 14.33
N ASP B 335 7.46 9.50 13.54
CA ASP B 335 7.87 10.10 12.28
C ASP B 335 6.81 9.82 11.23
N ASP B 336 5.77 10.67 11.20
CA ASP B 336 4.68 10.56 10.25
C ASP B 336 4.84 11.60 9.13
N GLY B 337 5.95 12.33 9.14
CA GLY B 337 6.28 13.28 8.09
C GLY B 337 5.44 14.56 8.15
N LYS B 338 4.68 14.74 9.24
CA LYS B 338 3.80 15.89 9.38
C LYS B 338 4.56 17.01 10.10
N LEU B 339 4.64 18.18 9.47
CA LEU B 339 5.46 19.28 9.95
C LEU B 339 4.70 20.13 10.97
N ASP B 340 3.36 20.11 10.90
CA ASP B 340 2.50 20.96 11.71
C ASP B 340 2.80 22.43 11.41
N LEU B 341 2.70 22.79 10.12
CA LEU B 341 2.84 24.17 9.68
C LEU B 341 1.50 24.65 9.11
N GLU C 21 -39.13 5.39 45.50
CA GLU C 21 -38.83 3.99 45.89
C GLU C 21 -37.39 3.88 46.40
N GLN C 22 -36.42 4.21 45.54
CA GLN C 22 -35.02 3.97 45.81
C GLN C 22 -34.39 5.10 46.62
N PHE C 23 -34.73 6.35 46.26
CA PHE C 23 -34.14 7.52 46.88
C PHE C 23 -35.23 8.42 47.42
N ALA C 24 -35.01 8.93 48.64
CA ALA C 24 -35.80 10.03 49.17
C ALA C 24 -35.45 11.30 48.39
N VAL C 25 -36.44 12.18 48.20
CA VAL C 25 -36.20 13.47 47.58
C VAL C 25 -35.35 14.30 48.53
N GLY C 26 -34.19 14.75 48.05
CA GLY C 26 -33.26 15.53 48.85
C GLY C 26 -32.13 14.69 49.44
N GLU C 27 -32.16 13.38 49.18
CA GLU C 27 -31.12 12.49 49.67
C GLU C 27 -29.80 12.81 48.96
N ILE C 28 -28.71 12.78 49.72
CA ILE C 28 -27.37 12.98 49.18
C ILE C 28 -26.74 11.62 48.94
N ILE C 29 -26.26 11.40 47.71
CA ILE C 29 -25.61 10.16 47.34
C ILE C 29 -24.19 10.47 46.88
N THR C 30 -23.28 9.53 47.13
CA THR C 30 -21.89 9.64 46.73
C THR C 30 -21.59 8.53 45.72
N ASP C 31 -20.93 8.89 44.63
CA ASP C 31 -20.61 7.96 43.56
C ASP C 31 -19.24 7.34 43.86
N MET C 32 -18.81 6.44 42.95
CA MET C 32 -17.60 5.66 43.12
C MET C 32 -16.38 6.57 43.30
N ALA C 33 -16.37 7.70 42.58
CA ALA C 33 -15.25 8.63 42.58
C ALA C 33 -15.35 9.62 43.75
N ALA C 34 -16.39 9.48 44.57
CA ALA C 34 -16.61 10.32 45.74
C ALA C 34 -17.16 11.70 45.36
N ALA C 35 -17.78 11.80 44.18
CA ALA C 35 -18.52 13.00 43.81
C ALA C 35 -19.92 12.94 44.43
N ALA C 36 -20.35 14.06 45.02
CA ALA C 36 -21.61 14.12 45.76
C ALA C 36 -22.72 14.69 44.87
N TRP C 37 -23.90 14.06 44.96
CA TRP C 37 -25.07 14.46 44.20
C TRP C 37 -26.28 14.53 45.12
N LYS C 38 -27.27 15.34 44.73
CA LYS C 38 -28.54 15.40 45.43
C LYS C 38 -29.66 14.95 44.49
N VAL C 39 -30.61 14.19 45.05
CA VAL C 39 -31.71 13.62 44.29
C VAL C 39 -32.93 14.52 44.38
N GLY C 40 -33.62 14.70 43.25
CA GLY C 40 -34.87 15.43 43.18
C GLY C 40 -36.04 14.49 42.95
N LEU C 41 -37.04 14.97 42.20
CA LEU C 41 -38.29 14.24 42.02
C LEU C 41 -38.08 13.07 41.06
N PRO C 42 -38.81 11.94 41.23
CA PRO C 42 -38.92 10.93 40.17
C PRO C 42 -39.64 11.49 38.95
N ILE C 43 -39.38 10.89 37.78
CA ILE C 43 -39.97 11.33 36.52
C ILE C 43 -40.48 10.12 35.73
N CYS C 50 -37.00 3.35 36.81
CA CYS C 50 -36.72 4.14 38.03
C CYS C 50 -35.68 5.22 37.72
N ILE C 51 -36.15 6.46 37.53
CA ILE C 51 -35.29 7.57 37.17
C ILE C 51 -35.68 8.80 38.01
N TYR C 52 -34.68 9.53 38.49
CA TYR C 52 -34.90 10.73 39.30
C TYR C 52 -34.13 11.90 38.69
N LEU C 53 -34.65 13.12 38.90
CA LEU C 53 -33.88 14.32 38.65
C LEU C 53 -32.73 14.38 39.66
N ALA C 54 -31.63 15.02 39.27
CA ALA C 54 -30.46 15.11 40.12
C ALA C 54 -29.67 16.37 39.80
N ASP C 55 -28.85 16.80 40.76
CA ASP C 55 -27.88 17.86 40.56
C ASP C 55 -26.74 17.66 41.54
N MET C 56 -25.68 18.46 41.38
CA MET C 56 -24.59 18.47 42.35
C MET C 56 -25.16 18.75 43.74
N ASN C 57 -24.46 18.23 44.75
CA ASN C 57 -24.86 18.46 46.14
C ASN C 57 -24.66 19.94 46.48
N SER C 58 -25.66 20.51 47.16
CA SER C 58 -25.60 21.89 47.63
C SER C 58 -26.64 22.07 48.73
N SER C 59 -26.75 23.31 49.25
CA SER C 59 -27.69 23.63 50.30
C SER C 59 -29.12 23.66 49.76
N GLU C 60 -29.28 24.16 48.53
CA GLU C 60 -30.59 24.24 47.88
C GLU C 60 -31.00 22.83 47.41
N SER C 61 -32.33 22.65 47.23
CA SER C 61 -32.88 21.39 46.76
C SER C 61 -32.91 21.37 45.23
N VAL C 62 -33.17 20.18 44.66
CA VAL C 62 -33.11 19.99 43.23
C VAL C 62 -34.42 20.47 42.60
N GLY C 63 -34.30 21.45 41.70
CA GLY C 63 -35.45 22.03 41.03
C GLY C 63 -35.96 21.14 39.89
N SER C 64 -37.00 21.63 39.20
CA SER C 64 -37.58 20.94 38.05
C SER C 64 -36.71 21.15 36.81
N ASP C 65 -35.78 22.12 36.88
CA ASP C 65 -34.85 22.39 35.79
C ASP C 65 -33.49 21.76 36.10
N ALA C 66 -33.50 20.61 36.80
CA ALA C 66 -32.27 19.90 37.12
C ALA C 66 -31.54 19.50 35.84
N PRO C 67 -30.19 19.62 35.80
CA PRO C 67 -29.42 19.28 34.59
C PRO C 67 -29.04 17.80 34.44
N CYS C 68 -29.35 16.99 35.46
CA CYS C 68 -28.96 15.57 35.45
C CYS C 68 -30.14 14.68 35.85
N VAL C 69 -29.98 13.39 35.55
CA VAL C 69 -30.86 12.34 36.04
C VAL C 69 -29.98 11.25 36.63
N VAL C 70 -30.52 10.52 37.61
CA VAL C 70 -29.89 9.33 38.14
C VAL C 70 -30.77 8.14 37.79
N LYS C 71 -30.25 7.24 36.95
CA LYS C 71 -30.93 6.00 36.58
C LYS C 71 -30.56 4.91 37.56
N VAL C 72 -31.56 4.15 38.02
CA VAL C 72 -31.36 3.08 38.99
C VAL C 72 -31.99 1.80 38.43
N GLU C 73 -31.23 0.70 38.51
CA GLU C 73 -31.73 -0.63 38.17
C GLU C 73 -31.08 -1.64 39.10
N PRO C 74 -31.66 -2.86 39.27
CA PRO C 74 -30.98 -3.94 39.99
C PRO C 74 -29.58 -4.17 39.43
N SER C 75 -28.67 -4.62 40.30
CA SER C 75 -27.28 -4.84 39.94
C SER C 75 -27.13 -5.94 38.89
N ASP C 76 -28.13 -6.83 38.78
CA ASP C 76 -28.07 -7.94 37.84
C ASP C 76 -28.66 -7.55 36.48
N ASN C 77 -29.12 -6.29 36.34
CA ASN C 77 -29.70 -5.81 35.09
C ASN C 77 -28.60 -5.68 34.03
N GLY C 78 -28.70 -6.50 32.98
CA GLY C 78 -27.69 -6.54 31.93
C GLY C 78 -27.63 -5.24 31.12
N PRO C 79 -28.77 -4.71 30.64
CA PRO C 79 -28.80 -3.46 29.88
C PRO C 79 -28.15 -2.22 30.53
N LEU C 80 -28.32 -2.04 31.84
CA LEU C 80 -27.77 -0.87 32.50
C LEU C 80 -26.25 -1.02 32.60
N PHE C 81 -25.77 -2.26 32.75
CA PHE C 81 -24.34 -2.53 32.79
C PHE C 81 -23.72 -2.19 31.44
N THR C 82 -24.38 -2.64 30.36
CA THR C 82 -23.91 -2.42 29.00
C THR C 82 -23.86 -0.92 28.71
N GLU C 83 -24.92 -0.21 29.11
CA GLU C 83 -25.01 1.22 28.89
C GLU C 83 -23.95 1.95 29.72
N LEU C 84 -23.73 1.51 30.95
CA LEU C 84 -22.75 2.12 31.83
C LEU C 84 -21.36 2.05 31.20
N LYS C 85 -21.01 0.87 30.66
CA LYS C 85 -19.71 0.63 30.05
C LYS C 85 -19.50 1.55 28.85
N PHE C 86 -20.53 1.71 28.02
CA PHE C 86 -20.47 2.64 26.90
C PHE C 86 -20.18 4.05 27.42
N TYR C 87 -20.94 4.48 28.44
CA TYR C 87 -20.82 5.83 28.97
C TYR C 87 -19.43 6.04 29.57
N GLN C 88 -18.90 5.05 30.30
CA GLN C 88 -17.60 5.16 30.94
C GLN C 88 -16.48 5.17 29.90
N ARG C 89 -16.70 4.50 28.76
CA ARG C 89 -15.64 4.34 27.77
C ARG C 89 -15.63 5.52 26.80
N ALA C 90 -16.81 6.07 26.49
CA ALA C 90 -16.95 6.94 25.33
C ALA C 90 -17.63 8.27 25.64
N ALA C 91 -18.18 8.44 26.85
CA ALA C 91 -18.96 9.64 27.14
C ALA C 91 -18.39 10.40 28.33
N LYS C 92 -17.07 10.31 28.53
CA LYS C 92 -16.41 11.11 29.56
C LYS C 92 -16.52 12.59 29.16
N PRO C 93 -16.89 13.49 30.10
CA PRO C 93 -17.08 14.91 29.77
C PRO C 93 -15.93 15.54 28.98
N GLU C 94 -14.69 15.31 29.44
CA GLU C 94 -13.52 15.91 28.82
C GLU C 94 -13.26 15.27 27.46
N GLN C 95 -13.53 13.96 27.36
CA GLN C 95 -13.44 13.22 26.11
C GLN C 95 -14.33 13.87 25.05
N ILE C 96 -15.59 14.13 25.41
CA ILE C 96 -16.55 14.73 24.51
C ILE C 96 -16.13 16.16 24.14
N GLN C 97 -15.64 16.93 25.12
CA GLN C 97 -15.30 18.33 24.89
C GLN C 97 -14.09 18.44 23.97
N LYS C 98 -13.08 17.58 24.18
CA LYS C 98 -11.91 17.57 23.33
C LYS C 98 -12.30 17.27 21.88
N TRP C 99 -13.26 16.37 21.68
CA TRP C 99 -13.72 16.02 20.35
C TRP C 99 -14.42 17.22 19.71
N ILE C 100 -15.32 17.87 20.46
CA ILE C 100 -16.01 19.06 20.00
C ILE C 100 -14.99 20.11 19.56
N ARG C 101 -13.92 20.27 20.34
CA ARG C 101 -12.90 21.28 20.10
C ARG C 101 -12.11 20.95 18.83
N THR C 102 -11.61 19.71 18.72
CA THR C 102 -10.68 19.35 17.65
C THR C 102 -11.41 19.20 16.32
N ARG C 103 -12.71 18.85 16.34
CA ARG C 103 -13.49 18.69 15.13
C ARG C 103 -14.26 19.96 14.80
N LYS C 104 -14.15 20.98 15.66
CA LYS C 104 -14.72 22.30 15.40
C LYS C 104 -16.25 22.20 15.29
N LEU C 105 -16.87 21.52 16.27
CA LEU C 105 -18.32 21.38 16.31
C LEU C 105 -18.89 22.40 17.29
N LYS C 106 -20.18 22.73 17.12
CA LYS C 106 -20.91 23.56 18.07
C LYS C 106 -21.26 22.75 19.31
N TYR C 107 -21.71 21.51 19.10
CA TYR C 107 -21.97 20.57 20.17
C TYR C 107 -21.80 19.15 19.64
N LEU C 108 -21.97 18.16 20.52
CA LEU C 108 -22.01 16.76 20.13
C LEU C 108 -23.17 16.08 20.88
N GLY C 109 -24.09 15.47 20.13
CA GLY C 109 -25.32 14.93 20.71
C GLY C 109 -25.10 13.58 21.41
N VAL C 110 -23.97 13.42 22.09
CA VAL C 110 -23.73 12.27 22.96
C VAL C 110 -23.89 12.75 24.40
N PRO C 111 -24.78 12.12 25.21
CA PRO C 111 -24.94 12.51 26.61
C PRO C 111 -23.67 12.26 27.40
N LYS C 112 -23.36 13.18 28.33
CA LYS C 112 -22.20 13.08 29.19
C LYS C 112 -22.49 12.16 30.37
N TYR C 113 -21.49 11.33 30.72
CA TYR C 113 -21.53 10.47 31.89
C TYR C 113 -20.94 11.22 33.08
N TRP C 114 -21.66 11.24 34.20
CA TRP C 114 -21.25 12.03 35.36
C TRP C 114 -20.81 11.15 36.54
N GLY C 115 -21.24 9.88 36.58
CA GLY C 115 -20.80 8.99 37.63
C GLY C 115 -21.73 7.80 37.83
N SER C 116 -21.30 6.86 38.67
CA SER C 116 -22.08 5.67 38.97
C SER C 116 -21.61 5.05 40.28
N GLY C 117 -22.42 4.14 40.81
CA GLY C 117 -22.08 3.42 42.03
C GLY C 117 -23.07 2.30 42.33
N LEU C 118 -23.02 1.83 43.58
CA LEU C 118 -23.91 0.80 44.07
C LEU C 118 -24.69 1.35 45.26
N HIS C 119 -25.90 0.84 45.48
CA HIS C 119 -26.79 1.35 46.51
C HIS C 119 -27.75 0.24 46.95
N ASP C 120 -27.86 0.07 48.27
CA ASP C 120 -28.71 -0.95 48.87
C ASP C 120 -30.04 -0.32 49.27
N LYS C 121 -31.13 -1.07 49.02
CA LYS C 121 -32.46 -0.66 49.45
C LYS C 121 -33.29 -1.93 49.66
N ASN C 122 -33.65 -2.19 50.93
CA ASN C 122 -34.53 -3.30 51.30
C ASN C 122 -33.83 -4.63 51.02
N GLY C 123 -32.52 -4.69 51.28
CA GLY C 123 -31.74 -5.91 51.16
C GLY C 123 -31.61 -6.39 49.72
N LYS C 124 -31.52 -5.45 48.77
CA LYS C 124 -31.23 -5.77 47.38
C LYS C 124 -30.19 -4.78 46.87
N SER C 125 -29.31 -5.25 45.96
CA SER C 125 -28.22 -4.45 45.44
C SER C 125 -28.64 -3.77 44.14
N TYR C 126 -28.56 -2.44 44.11
CA TYR C 126 -28.93 -1.65 42.94
C TYR C 126 -27.71 -0.91 42.41
N ARG C 127 -27.74 -0.62 41.10
CA ARG C 127 -26.70 0.12 40.41
C ARG C 127 -27.29 1.45 39.95
N PHE C 128 -26.57 2.55 40.14
CA PHE C 128 -27.07 3.85 39.70
C PHE C 128 -26.04 4.50 38.78
N MET C 129 -26.53 5.43 37.96
CA MET C 129 -25.72 6.11 36.97
C MET C 129 -26.26 7.53 36.79
N ILE C 130 -25.38 8.53 36.89
CA ILE C 130 -25.75 9.92 36.70
C ILE C 130 -25.39 10.32 35.27
N MET C 131 -26.34 10.94 34.56
CA MET C 131 -26.12 11.37 33.19
C MET C 131 -26.91 12.64 32.94
N ASP C 132 -26.68 13.26 31.77
CA ASP C 132 -27.38 14.47 31.36
C ASP C 132 -28.89 14.25 31.36
N ARG C 133 -29.63 15.33 31.64
CA ARG C 133 -31.08 15.38 31.52
C ARG C 133 -31.44 16.09 30.22
N PHE C 134 -32.56 15.70 29.61
CA PHE C 134 -32.98 16.25 28.34
C PHE C 134 -34.43 16.70 28.41
N GLY C 135 -34.87 17.35 27.33
CA GLY C 135 -36.25 17.79 27.17
C GLY C 135 -37.05 16.77 26.35
N SER C 136 -37.76 17.27 25.34
CA SER C 136 -38.70 16.46 24.58
C SER C 136 -37.95 15.52 23.64
N ASP C 137 -38.50 14.30 23.48
CA ASP C 137 -38.09 13.39 22.43
C ASP C 137 -38.73 13.83 21.11
N LEU C 138 -38.14 13.40 19.99
CA LEU C 138 -38.57 13.82 18.66
C LEU C 138 -39.88 13.15 18.26
N GLN C 139 -40.15 11.96 18.80
CA GLN C 139 -41.34 11.20 18.42
C GLN C 139 -42.59 11.99 18.82
N LYS C 140 -42.56 12.61 20.01
CA LYS C 140 -43.65 13.44 20.49
C LYS C 140 -43.87 14.63 19.55
N ILE C 141 -42.78 15.27 19.12
CA ILE C 141 -42.85 16.45 18.28
C ILE C 141 -43.30 16.04 16.87
N TYR C 142 -42.88 14.84 16.45
CA TYR C 142 -43.23 14.31 15.14
C TYR C 142 -44.73 14.06 15.07
N GLU C 143 -45.29 13.46 16.13
CA GLU C 143 -46.71 13.18 16.22
C GLU C 143 -47.50 14.49 16.31
N ALA C 144 -46.93 15.49 16.99
CA ALA C 144 -47.57 16.78 17.15
C ALA C 144 -47.62 17.55 15.83
N ASN C 145 -46.78 17.18 14.86
CA ASN C 145 -46.73 17.86 13.57
C ASN C 145 -47.33 16.98 12.48
N ALA C 146 -48.27 16.10 12.86
CA ALA C 146 -48.98 15.23 11.93
C ALA C 146 -48.00 14.30 11.19
N LYS C 147 -47.00 13.80 11.92
CA LYS C 147 -46.06 12.80 11.43
C LYS C 147 -45.37 13.28 10.14
N ARG C 148 -44.93 14.55 10.14
CA ARG C 148 -44.14 15.12 9.06
C ARG C 148 -43.08 16.03 9.65
N PHE C 149 -41.84 15.91 9.14
CA PHE C 149 -40.81 16.91 9.35
C PHE C 149 -40.44 17.48 7.99
N SER C 150 -40.16 18.79 7.96
CA SER C 150 -39.72 19.47 6.76
C SER C 150 -38.37 18.90 6.30
N ARG C 151 -38.07 19.10 5.01
CA ARG C 151 -36.79 18.71 4.44
C ARG C 151 -35.65 19.39 5.19
N LYS C 152 -35.85 20.67 5.52
CA LYS C 152 -34.89 21.44 6.30
C LYS C 152 -34.57 20.71 7.61
N THR C 153 -35.62 20.34 8.35
CA THR C 153 -35.49 19.70 9.65
C THR C 153 -34.74 18.38 9.53
N VAL C 154 -35.09 17.58 8.51
CA VAL C 154 -34.56 16.23 8.38
C VAL C 154 -33.07 16.29 8.10
N LEU C 155 -32.65 17.19 7.20
CA LEU C 155 -31.25 17.31 6.81
C LEU C 155 -30.41 17.81 7.99
N GLN C 156 -30.96 18.75 8.77
CA GLN C 156 -30.26 19.32 9.91
C GLN C 156 -30.12 18.28 11.02
N LEU C 157 -31.19 17.51 11.27
CA LEU C 157 -31.14 16.42 12.23
C LEU C 157 -30.06 15.42 11.82
N SER C 158 -30.10 15.02 10.54
CA SER C 158 -29.27 13.94 10.04
C SER C 158 -27.79 14.33 10.06
N LEU C 159 -27.50 15.62 9.80
CA LEU C 159 -26.13 16.12 9.86
C LEU C 159 -25.56 15.87 11.26
N ARG C 160 -26.37 16.16 12.29
CA ARG C 160 -25.93 16.06 13.67
C ARG C 160 -25.86 14.59 14.09
N ILE C 161 -26.75 13.75 13.55
CA ILE C 161 -26.76 12.34 13.89
C ILE C 161 -25.51 11.67 13.30
N LEU C 162 -25.08 12.15 12.12
CA LEU C 162 -23.87 11.65 11.49
C LEU C 162 -22.65 12.01 12.33
N ASP C 163 -22.66 13.20 12.96
CA ASP C 163 -21.63 13.60 13.90
C ASP C 163 -21.60 12.62 15.08
N ILE C 164 -22.79 12.26 15.59
CA ILE C 164 -22.91 11.39 16.74
C ILE C 164 -22.39 10.00 16.38
N LEU C 165 -22.83 9.48 15.23
CA LEU C 165 -22.49 8.13 14.81
C LEU C 165 -20.99 8.04 14.54
N GLU C 166 -20.42 9.08 13.90
CA GLU C 166 -18.99 9.14 13.68
C GLU C 166 -18.25 9.03 15.02
N TYR C 167 -18.75 9.77 16.03
CA TYR C 167 -18.09 9.78 17.33
C TYR C 167 -18.12 8.38 17.94
N ILE C 168 -19.32 7.79 18.07
CA ILE C 168 -19.46 6.53 18.78
C ILE C 168 -18.78 5.40 18.00
N HIS C 169 -18.82 5.46 16.66
CA HIS C 169 -18.16 4.44 15.84
C HIS C 169 -16.65 4.50 16.04
N GLU C 170 -16.10 5.71 16.18
CA GLU C 170 -14.68 5.91 16.37
C GLU C 170 -14.27 5.45 17.77
N HIS C 171 -15.23 5.35 18.68
CA HIS C 171 -15.00 4.83 20.02
C HIS C 171 -15.53 3.41 20.14
N GLU C 172 -15.57 2.68 19.02
CA GLU C 172 -15.67 1.23 18.99
C GLU C 172 -17.11 0.73 19.17
N TYR C 173 -18.12 1.62 19.09
CA TYR C 173 -19.49 1.25 19.42
C TYR C 173 -20.44 1.58 18.27
N VAL C 174 -21.50 0.77 18.14
CA VAL C 174 -22.62 1.09 17.27
C VAL C 174 -23.89 1.11 18.13
N HIS C 175 -24.87 1.93 17.71
CA HIS C 175 -26.10 2.12 18.47
C HIS C 175 -27.12 1.04 18.10
N GLY C 176 -27.45 0.94 16.81
CA GLY C 176 -28.30 -0.13 16.31
C GLY C 176 -29.79 0.10 16.55
N ASP C 177 -30.19 1.30 16.99
CA ASP C 177 -31.61 1.56 17.20
C ASP C 177 -31.90 3.07 17.16
N ILE C 178 -31.36 3.73 16.13
CA ILE C 178 -31.63 5.14 15.94
C ILE C 178 -33.10 5.29 15.55
N LYS C 179 -33.82 6.17 16.26
CA LYS C 179 -35.20 6.48 15.98
C LYS C 179 -35.62 7.70 16.79
N ALA C 180 -36.76 8.29 16.42
CA ALA C 180 -37.20 9.56 16.95
C ALA C 180 -37.34 9.51 18.48
N SER C 181 -37.80 8.38 19.01
CA SER C 181 -38.03 8.24 20.45
C SER C 181 -36.72 8.14 21.23
N ASN C 182 -35.61 7.84 20.54
CA ASN C 182 -34.28 7.78 21.14
C ASN C 182 -33.49 9.06 20.86
N LEU C 183 -34.16 10.06 20.28
CA LEU C 183 -33.55 11.35 20.05
C LEU C 183 -34.24 12.38 20.96
N LEU C 184 -33.46 13.00 21.85
CA LEU C 184 -33.96 13.96 22.82
C LEU C 184 -33.34 15.32 22.54
N LEU C 185 -34.11 16.38 22.82
CA LEU C 185 -33.62 17.75 22.71
C LEU C 185 -32.93 18.16 24.00
N ASN C 186 -31.88 18.97 23.87
CA ASN C 186 -31.31 19.71 24.99
C ASN C 186 -32.45 20.43 25.70
N TYR C 187 -32.47 20.32 27.04
CA TYR C 187 -33.53 20.90 27.85
C TYR C 187 -33.55 22.42 27.68
N LYS C 188 -32.36 23.04 27.51
CA LYS C 188 -32.24 24.48 27.46
C LYS C 188 -31.91 24.99 26.05
N ASN C 189 -32.04 24.12 25.04
CA ASN C 189 -31.69 24.49 23.67
C ASN C 189 -32.39 23.57 22.68
N PRO C 190 -33.47 24.02 22.01
CA PRO C 190 -34.22 23.16 21.08
C PRO C 190 -33.61 22.93 19.71
N ASP C 191 -32.36 23.39 19.50
CA ASP C 191 -31.67 23.21 18.23
C ASP C 191 -30.63 22.09 18.33
N GLN C 192 -30.48 21.50 19.53
CA GLN C 192 -29.48 20.47 19.77
C GLN C 192 -30.18 19.16 20.10
N VAL C 193 -29.96 18.15 19.26
CA VAL C 193 -30.55 16.84 19.45
C VAL C 193 -29.47 15.86 19.89
N TYR C 194 -29.84 14.97 20.83
CA TYR C 194 -28.93 13.99 21.40
C TYR C 194 -29.48 12.59 21.17
N LEU C 195 -28.57 11.61 21.01
CA LEU C 195 -28.92 10.21 20.88
C LEU C 195 -28.75 9.50 22.22
N VAL C 196 -29.79 8.81 22.68
CA VAL C 196 -29.79 8.17 23.99
C VAL C 196 -30.07 6.67 23.84
N ASP C 197 -29.96 5.95 24.96
CA ASP C 197 -30.27 4.54 25.09
C ASP C 197 -29.18 3.70 24.45
N TYR C 198 -28.20 3.27 25.27
CA TYR C 198 -27.10 2.43 24.81
C TYR C 198 -27.14 1.09 25.54
N GLY C 199 -28.34 0.72 26.03
CA GLY C 199 -28.52 -0.53 26.76
C GLY C 199 -28.29 -1.75 25.87
N LEU C 200 -28.48 -1.59 24.56
CA LEU C 200 -28.23 -2.66 23.61
C LEU C 200 -27.23 -2.20 22.54
N ALA C 201 -26.43 -1.18 22.86
CA ALA C 201 -25.32 -0.79 22.00
C ALA C 201 -24.34 -1.95 21.90
N TYR C 202 -23.53 -1.95 20.84
CA TYR C 202 -22.65 -3.07 20.56
C TYR C 202 -21.24 -2.54 20.28
N ARG C 203 -20.27 -3.15 20.98
CA ARG C 203 -18.87 -2.87 20.77
C ARG C 203 -18.37 -3.73 19.61
N TYR C 204 -18.43 -3.14 18.41
CA TYR C 204 -18.19 -3.84 17.15
C TYR C 204 -16.70 -3.92 16.84
N CYS C 205 -15.88 -3.13 17.54
CA CYS C 205 -14.47 -3.01 17.20
C CYS C 205 -13.60 -2.92 18.46
N PRO C 206 -13.63 -3.92 19.37
CA PRO C 206 -12.80 -3.89 20.58
C PRO C 206 -11.31 -3.91 20.23
N GLU C 207 -10.57 -2.91 20.75
CA GLU C 207 -9.14 -2.78 20.52
C GLU C 207 -8.86 -2.72 19.01
N GLY C 208 -9.77 -2.08 18.27
CA GLY C 208 -9.59 -1.86 16.84
C GLY C 208 -9.75 -3.12 15.99
N VAL C 209 -10.22 -4.22 16.59
CA VAL C 209 -10.40 -5.48 15.86
C VAL C 209 -11.89 -5.67 15.56
N HIS C 210 -12.26 -5.63 14.28
CA HIS C 210 -13.66 -5.69 13.86
C HIS C 210 -14.19 -7.10 14.08
N LYS C 211 -15.40 -7.19 14.66
CA LYS C 211 -16.11 -8.45 14.81
C LYS C 211 -16.42 -9.04 13.44
N ALA C 212 -16.40 -10.37 13.35
CA ALA C 212 -16.64 -11.08 12.11
C ALA C 212 -18.11 -11.03 11.74
N TYR C 213 -18.41 -11.14 10.44
CA TYR C 213 -19.78 -11.18 9.94
C TYR C 213 -20.45 -12.45 10.47
N ALA C 214 -21.09 -12.32 11.63
CA ALA C 214 -21.67 -13.46 12.34
C ALA C 214 -22.57 -12.97 13.47
N ALA C 215 -23.31 -13.92 14.07
CA ALA C 215 -24.19 -13.63 15.19
C ALA C 215 -23.37 -13.46 16.45
N ASP C 216 -23.88 -12.62 17.37
CA ASP C 216 -23.30 -12.48 18.70
C ASP C 216 -24.18 -13.26 19.68
N PRO C 217 -23.63 -14.26 20.41
CA PRO C 217 -24.44 -15.12 21.27
C PRO C 217 -24.99 -14.44 22.52
N LYS C 218 -24.21 -13.49 23.05
CA LYS C 218 -24.63 -12.71 24.22
C LYS C 218 -25.75 -11.75 23.85
N ARG C 219 -25.76 -11.30 22.59
CA ARG C 219 -26.69 -10.28 22.12
C ARG C 219 -27.99 -10.93 21.63
N CYS C 220 -29.12 -10.41 22.13
CA CYS C 220 -30.44 -10.83 21.69
C CYS C 220 -31.20 -9.67 21.03
N HIS C 221 -30.59 -8.48 20.97
CA HIS C 221 -31.25 -7.29 20.50
C HIS C 221 -31.28 -7.26 18.97
N ASP C 222 -32.44 -6.95 18.39
CA ASP C 222 -32.64 -6.93 16.96
C ASP C 222 -33.08 -5.55 16.47
N GLY C 223 -33.19 -4.58 17.39
CA GLY C 223 -33.56 -3.22 17.03
C GLY C 223 -35.07 -3.07 16.89
N THR C 224 -35.50 -1.95 16.27
CA THR C 224 -36.90 -1.67 16.01
C THR C 224 -37.23 -2.07 14.57
N ILE C 225 -38.22 -2.96 14.43
CA ILE C 225 -38.40 -3.74 13.22
C ILE C 225 -38.52 -2.86 11.99
N GLU C 226 -39.26 -1.74 12.08
CA GLU C 226 -39.50 -0.90 10.91
C GLU C 226 -38.21 -0.22 10.45
N PHE C 227 -37.26 0.02 11.37
CA PHE C 227 -36.09 0.82 11.06
C PHE C 227 -34.81 -0.01 10.99
N THR C 228 -34.85 -1.26 11.44
CA THR C 228 -33.62 -2.00 11.71
C THR C 228 -32.92 -2.36 10.41
N SER C 229 -31.65 -2.74 10.53
CA SER C 229 -30.79 -3.01 9.39
C SER C 229 -31.07 -4.39 8.81
N ILE C 230 -30.69 -4.58 7.55
CA ILE C 230 -30.74 -5.89 6.91
C ILE C 230 -29.81 -6.84 7.66
N ASP C 231 -28.64 -6.35 8.08
CA ASP C 231 -27.70 -7.14 8.86
C ASP C 231 -28.39 -7.72 10.09
N ALA C 232 -29.08 -6.85 10.84
CA ALA C 232 -29.79 -7.28 12.04
C ALA C 232 -30.87 -8.28 11.67
N HIS C 233 -31.60 -8.03 10.58
CA HIS C 233 -32.63 -8.93 10.08
C HIS C 233 -32.06 -10.33 9.82
N ASN C 234 -30.80 -10.39 9.35
CA ASN C 234 -30.14 -11.64 9.02
C ASN C 234 -29.47 -12.29 10.24
N GLY C 235 -29.66 -11.72 11.43
CA GLY C 235 -29.17 -12.32 12.66
C GLY C 235 -27.67 -12.12 12.88
N VAL C 236 -27.05 -11.13 12.20
CA VAL C 236 -25.64 -10.85 12.46
C VAL C 236 -25.54 -9.63 13.35
N ALA C 237 -24.43 -9.55 14.07
CA ALA C 237 -24.13 -8.41 14.93
C ALA C 237 -24.14 -7.13 14.11
N PRO C 238 -24.67 -6.02 14.66
CA PRO C 238 -24.71 -4.75 13.94
C PRO C 238 -23.31 -4.18 13.75
N SER C 239 -23.13 -3.44 12.64
CA SER C 239 -21.88 -2.75 12.34
C SER C 239 -22.22 -1.34 11.89
N ARG C 240 -21.22 -0.62 11.36
CA ARG C 240 -21.35 0.80 11.06
C ARG C 240 -22.37 1.03 9.94
N ARG C 241 -22.29 0.24 8.87
CA ARG C 241 -23.18 0.43 7.72
C ARG C 241 -24.63 0.34 8.18
N GLY C 242 -24.92 -0.58 9.10
CA GLY C 242 -26.25 -0.75 9.65
C GLY C 242 -26.77 0.54 10.27
N ASP C 243 -25.95 1.18 11.11
CA ASP C 243 -26.36 2.41 11.77
C ASP C 243 -26.77 3.44 10.73
N LEU C 244 -26.00 3.55 9.64
CA LEU C 244 -26.25 4.52 8.60
C LEU C 244 -27.52 4.16 7.83
N GLU C 245 -27.74 2.85 7.62
CA GLU C 245 -28.92 2.36 6.96
C GLU C 245 -30.17 2.70 7.79
N ILE C 246 -30.06 2.50 9.11
CA ILE C 246 -31.17 2.82 10.01
C ILE C 246 -31.50 4.30 9.85
N LEU C 247 -30.47 5.16 9.80
CA LEU C 247 -30.67 6.59 9.65
C LEU C 247 -31.41 6.86 8.34
N GLY C 248 -31.06 6.11 7.28
CA GLY C 248 -31.70 6.21 5.99
C GLY C 248 -33.22 6.05 6.08
N TYR C 249 -33.66 4.99 6.76
CA TYR C 249 -35.08 4.67 6.87
C TYR C 249 -35.80 5.74 7.71
N CYS C 250 -35.13 6.22 8.75
CA CYS C 250 -35.66 7.28 9.59
C CYS C 250 -35.95 8.52 8.74
N MET C 251 -34.98 8.92 7.90
CA MET C 251 -35.10 10.13 7.09
C MET C 251 -36.33 10.02 6.18
N ILE C 252 -36.51 8.88 5.52
CA ILE C 252 -37.64 8.69 4.62
C ILE C 252 -38.94 8.76 5.43
N GLN C 253 -38.96 8.05 6.56
CA GLN C 253 -40.09 8.06 7.49
C GLN C 253 -40.46 9.49 7.87
N TRP C 254 -39.46 10.30 8.23
CA TRP C 254 -39.71 11.65 8.74
C TRP C 254 -40.24 12.56 7.64
N LEU C 255 -39.78 12.36 6.39
CA LEU C 255 -40.16 13.20 5.27
C LEU C 255 -41.58 12.89 4.82
N THR C 256 -41.93 11.60 4.74
CA THR C 256 -43.14 11.16 4.05
C THR C 256 -44.24 10.75 5.03
N GLY C 257 -43.85 10.38 6.26
CA GLY C 257 -44.78 9.86 7.24
C GLY C 257 -45.01 8.35 7.10
N HIS C 258 -44.26 7.69 6.22
CA HIS C 258 -44.52 6.30 5.89
C HIS C 258 -43.23 5.56 5.53
N LEU C 259 -43.29 4.22 5.64
CA LEU C 259 -42.34 3.32 5.03
C LEU C 259 -43.14 2.24 4.29
N PRO C 260 -42.60 1.65 3.20
CA PRO C 260 -43.35 0.68 2.39
C PRO C 260 -43.90 -0.51 3.16
N TRP C 261 -43.19 -0.93 4.21
CA TRP C 261 -43.43 -2.19 4.89
C TRP C 261 -44.16 -1.96 6.22
N GLU C 262 -44.75 -0.79 6.40
CA GLU C 262 -45.29 -0.39 7.70
C GLU C 262 -46.57 -1.17 8.03
N ASP C 263 -47.22 -1.75 7.01
CA ASP C 263 -48.46 -2.49 7.23
C ASP C 263 -48.18 -3.97 7.48
N ASN C 264 -46.90 -4.33 7.70
CA ASN C 264 -46.51 -5.73 7.80
C ASN C 264 -45.46 -5.93 8.91
N LEU C 265 -45.52 -5.09 9.95
CA LEU C 265 -44.51 -5.08 10.99
C LEU C 265 -44.64 -6.29 11.91
N LYS C 266 -45.74 -7.04 11.78
CA LYS C 266 -45.91 -8.29 12.51
C LYS C 266 -45.25 -9.44 11.76
N ASP C 267 -44.66 -9.16 10.59
CA ASP C 267 -44.02 -10.18 9.76
C ASP C 267 -42.59 -9.75 9.41
N PRO C 268 -41.58 -10.08 10.25
CA PRO C 268 -40.20 -9.66 10.00
C PRO C 268 -39.60 -10.11 8.66
N LYS C 269 -39.94 -11.31 8.21
CA LYS C 269 -39.37 -11.83 6.98
C LYS C 269 -39.86 -11.01 5.79
N TYR C 270 -41.08 -10.45 5.88
CA TYR C 270 -41.61 -9.57 4.87
C TYR C 270 -40.84 -8.25 4.87
N VAL C 271 -40.60 -7.70 6.08
CA VAL C 271 -39.87 -6.45 6.22
C VAL C 271 -38.46 -6.62 5.65
N ARG C 272 -37.78 -7.72 6.02
CA ARG C 272 -36.45 -8.00 5.52
C ARG C 272 -36.46 -8.08 4.00
N ASP C 273 -37.41 -8.84 3.44
CA ASP C 273 -37.50 -9.03 2.00
C ASP C 273 -37.65 -7.70 1.29
N SER C 274 -38.52 -6.83 1.82
CA SER C 274 -38.76 -5.52 1.22
C SER C 274 -37.47 -4.70 1.19
N LYS C 275 -36.78 -4.66 2.34
CA LYS C 275 -35.54 -3.89 2.47
C LYS C 275 -34.48 -4.43 1.51
N ILE C 276 -34.37 -5.76 1.42
CA ILE C 276 -33.38 -6.36 0.53
C ILE C 276 -33.67 -5.97 -0.91
N ARG C 277 -34.95 -6.00 -1.33
CA ARG C 277 -35.30 -5.73 -2.71
C ARG C 277 -35.12 -4.24 -3.01
N TYR C 278 -35.49 -3.38 -2.06
CA TYR C 278 -35.38 -1.95 -2.25
C TYR C 278 -33.92 -1.51 -2.28
N ARG C 279 -33.05 -2.22 -1.56
CA ARG C 279 -31.62 -1.94 -1.57
C ARG C 279 -31.06 -2.20 -2.97
N GLU C 280 -31.56 -3.26 -3.62
CA GLU C 280 -31.11 -3.65 -4.94
C GLU C 280 -31.58 -2.63 -5.98
N ASN C 281 -32.71 -1.95 -5.72
CA ASN C 281 -33.24 -0.95 -6.63
C ASN C 281 -33.72 0.27 -5.84
N ILE C 282 -32.79 1.20 -5.58
CA ILE C 282 -33.06 2.38 -4.78
C ILE C 282 -34.00 3.33 -5.54
N ALA C 283 -33.91 3.33 -6.87
CA ALA C 283 -34.80 4.14 -7.70
C ALA C 283 -36.27 3.81 -7.41
N SER C 284 -36.58 2.51 -7.23
CA SER C 284 -37.94 2.08 -6.96
C SER C 284 -38.33 2.36 -5.50
N LEU C 285 -37.36 2.36 -4.58
CA LEU C 285 -37.62 2.79 -3.22
C LEU C 285 -38.05 4.26 -3.23
N MET C 286 -37.35 5.10 -4.01
CA MET C 286 -37.63 6.52 -4.06
C MET C 286 -39.00 6.79 -4.68
N ASP C 287 -39.32 6.07 -5.77
CA ASP C 287 -40.56 6.27 -6.49
C ASP C 287 -41.74 5.81 -5.66
N LYS C 288 -41.52 4.79 -4.82
CA LYS C 288 -42.53 4.27 -3.92
C LYS C 288 -42.84 5.28 -2.82
N CYS C 289 -41.79 5.83 -2.20
CA CYS C 289 -41.93 6.61 -0.98
C CYS C 289 -42.34 8.05 -1.28
N PHE C 290 -41.86 8.60 -2.40
CA PHE C 290 -42.07 9.99 -2.73
C PHE C 290 -42.96 10.12 -3.97
N PRO C 291 -43.61 11.28 -4.17
CA PRO C 291 -44.38 11.54 -5.40
C PRO C 291 -43.49 11.63 -6.64
N ALA C 292 -44.08 12.10 -7.75
CA ALA C 292 -43.37 12.21 -9.02
C ALA C 292 -42.29 13.27 -8.93
N ALA C 293 -41.03 12.82 -8.85
CA ALA C 293 -39.86 13.68 -8.88
C ALA C 293 -39.92 14.75 -7.77
N ASN C 294 -40.51 14.39 -6.62
CA ASN C 294 -40.35 15.15 -5.40
C ASN C 294 -39.31 14.46 -4.53
N ALA C 295 -38.78 13.34 -5.03
CA ALA C 295 -37.80 12.53 -4.32
C ALA C 295 -36.51 13.31 -4.16
N PRO C 296 -36.09 13.65 -2.93
CA PRO C 296 -34.83 14.40 -2.73
C PRO C 296 -33.65 13.59 -3.26
N GLY C 297 -32.79 14.26 -4.04
CA GLY C 297 -31.63 13.63 -4.66
C GLY C 297 -30.61 13.17 -3.62
N GLU C 298 -30.49 13.94 -2.53
CA GLU C 298 -29.50 13.66 -1.50
C GLU C 298 -29.89 12.40 -0.73
N ILE C 299 -31.18 12.15 -0.57
CA ILE C 299 -31.65 10.96 0.11
C ILE C 299 -31.26 9.73 -0.73
N ALA C 300 -31.40 9.85 -2.05
CA ALA C 300 -31.07 8.76 -2.96
C ALA C 300 -29.56 8.52 -2.96
N LYS C 301 -28.80 9.61 -3.12
CA LYS C 301 -27.34 9.53 -3.14
C LYS C 301 -26.84 8.94 -1.82
N TYR C 302 -27.46 9.33 -0.70
CA TYR C 302 -27.09 8.83 0.61
C TYR C 302 -27.27 7.32 0.66
N MET C 303 -28.45 6.84 0.24
CA MET C 303 -28.77 5.42 0.26
C MET C 303 -27.80 4.66 -0.65
N GLU C 304 -27.50 5.23 -1.82
CA GLU C 304 -26.59 4.61 -2.78
C GLU C 304 -25.20 4.47 -2.15
N THR C 305 -24.77 5.49 -1.38
CA THR C 305 -23.43 5.49 -0.79
C THR C 305 -23.36 4.43 0.31
N VAL C 306 -24.40 4.34 1.15
CA VAL C 306 -24.45 3.37 2.22
C VAL C 306 -24.43 1.96 1.64
N LYS C 307 -25.12 1.78 0.50
CA LYS C 307 -25.24 0.48 -0.14
C LYS C 307 -23.88 -0.09 -0.53
N LEU C 308 -22.90 0.78 -0.80
CA LEU C 308 -21.59 0.36 -1.28
C LEU C 308 -20.66 -0.02 -0.13
N LEU C 309 -21.10 0.17 1.13
CA LEU C 309 -20.30 -0.19 2.29
C LEU C 309 -20.31 -1.70 2.51
N ASP C 310 -19.12 -2.29 2.67
CA ASP C 310 -18.99 -3.63 3.19
C ASP C 310 -19.23 -3.63 4.70
N TYR C 311 -19.32 -4.83 5.28
CA TYR C 311 -19.72 -5.03 6.66
C TYR C 311 -18.71 -4.39 7.62
N THR C 312 -17.41 -4.51 7.30
CA THR C 312 -16.35 -4.07 8.18
C THR C 312 -15.81 -2.70 7.75
N GLU C 313 -16.39 -2.11 6.71
CA GLU C 313 -15.81 -0.95 6.07
C GLU C 313 -16.06 0.31 6.90
N LYS C 314 -15.03 1.15 6.99
CA LYS C 314 -15.16 2.46 7.60
C LYS C 314 -15.91 3.39 6.65
N PRO C 315 -17.07 3.95 7.05
CA PRO C 315 -17.76 4.97 6.24
C PRO C 315 -16.96 6.26 6.09
N LEU C 316 -17.20 6.96 4.98
CA LEU C 316 -16.68 8.30 4.76
C LEU C 316 -17.72 9.31 5.22
N TYR C 317 -17.71 9.61 6.52
CA TYR C 317 -18.75 10.40 7.17
C TYR C 317 -18.83 11.79 6.54
N GLU C 318 -17.68 12.32 6.11
CA GLU C 318 -17.62 13.67 5.58
C GLU C 318 -18.37 13.74 4.25
N ASN C 319 -18.20 12.71 3.41
CA ASN C 319 -18.89 12.64 2.13
C ASN C 319 -20.40 12.55 2.34
N LEU C 320 -20.83 11.81 3.37
CA LEU C 320 -22.25 11.64 3.65
C LEU C 320 -22.85 12.97 4.08
N ARG C 321 -22.12 13.74 4.91
CA ARG C 321 -22.57 15.05 5.35
C ARG C 321 -22.61 16.02 4.17
N ASP C 322 -21.64 15.91 3.26
CA ASP C 322 -21.57 16.78 2.10
C ASP C 322 -22.73 16.50 1.15
N ILE C 323 -23.16 15.24 1.07
CA ILE C 323 -24.29 14.85 0.24
C ILE C 323 -25.55 15.52 0.77
N LEU C 324 -25.72 15.54 2.10
CA LEU C 324 -26.87 16.14 2.73
C LEU C 324 -26.81 17.66 2.62
N LEU C 325 -25.59 18.23 2.68
CA LEU C 325 -25.39 19.67 2.55
C LEU C 325 -25.95 20.16 1.22
N GLN C 326 -25.76 19.37 0.16
CA GLN C 326 -26.24 19.72 -1.18
C GLN C 326 -27.76 19.87 -1.17
N GLY C 327 -28.43 19.07 -0.32
CA GLY C 327 -29.87 19.17 -0.13
C GLY C 327 -30.28 20.53 0.41
N LEU C 328 -29.45 21.11 1.30
CA LEU C 328 -29.72 22.42 1.88
C LEU C 328 -29.53 23.51 0.82
N LYS C 329 -28.43 23.42 0.06
CA LYS C 329 -28.13 24.37 -1.00
C LYS C 329 -29.27 24.38 -2.04
N ALA C 330 -29.89 23.22 -2.27
CA ALA C 330 -30.93 23.08 -3.28
C ALA C 330 -32.20 23.83 -2.89
N ILE C 331 -32.45 23.98 -1.58
CA ILE C 331 -33.65 24.66 -1.11
C ILE C 331 -33.31 26.05 -0.58
N GLY C 332 -32.11 26.56 -0.92
CA GLY C 332 -31.73 27.93 -0.62
C GLY C 332 -31.40 28.13 0.86
N SER C 333 -31.03 27.04 1.54
CA SER C 333 -30.62 27.11 2.93
C SER C 333 -29.16 26.71 3.06
N LYS C 334 -28.65 26.73 4.30
CA LYS C 334 -27.30 26.28 4.61
C LYS C 334 -27.33 25.57 5.96
N ASP C 335 -26.19 24.99 6.35
CA ASP C 335 -26.07 24.37 7.67
C ASP C 335 -25.85 25.47 8.71
N ASP C 336 -26.96 25.96 9.29
CA ASP C 336 -26.92 26.98 10.32
C ASP C 336 -27.27 26.39 11.69
N GLY C 337 -27.47 25.07 11.74
CA GLY C 337 -27.72 24.38 13.00
C GLY C 337 -29.17 24.54 13.48
N LYS C 338 -30.04 25.13 12.65
CA LYS C 338 -31.41 25.42 13.03
C LYS C 338 -32.30 24.25 12.62
N LEU C 339 -32.92 23.60 13.60
CA LEU C 339 -33.72 22.40 13.37
C LEU C 339 -35.13 22.78 12.90
N ASP C 340 -35.55 24.02 13.18
CA ASP C 340 -36.84 24.54 12.75
C ASP C 340 -37.97 23.66 13.26
N LEU C 341 -37.93 23.32 14.56
CA LEU C 341 -38.98 22.51 15.17
C LEU C 341 -40.10 23.43 15.68
N GLN D 22 -5.43 1.87 -46.48
CA GLN D 22 -6.34 3.00 -46.85
C GLN D 22 -5.65 4.33 -46.52
N PHE D 23 -5.36 4.55 -45.23
CA PHE D 23 -4.76 5.79 -44.76
C PHE D 23 -3.26 5.77 -45.01
N ALA D 24 -2.70 6.99 -45.22
CA ALA D 24 -1.28 7.17 -45.40
C ALA D 24 -0.62 7.45 -44.06
N VAL D 25 0.51 6.77 -43.80
CA VAL D 25 1.23 6.91 -42.54
C VAL D 25 1.78 8.33 -42.45
N GLY D 26 1.06 9.20 -41.72
CA GLY D 26 1.44 10.58 -41.52
C GLY D 26 0.24 11.52 -41.60
N GLU D 27 -0.73 11.18 -42.46
CA GLU D 27 -1.85 12.06 -42.78
C GLU D 27 -2.47 12.63 -41.51
N ILE D 28 -2.59 13.96 -41.45
CA ILE D 28 -3.15 14.65 -40.31
C ILE D 28 -4.67 14.53 -40.34
N ILE D 29 -5.28 14.40 -39.16
CA ILE D 29 -6.71 14.24 -39.02
C ILE D 29 -7.21 15.12 -37.87
N THR D 30 -8.44 15.63 -38.02
CA THR D 30 -8.99 16.64 -37.11
C THR D 30 -10.18 16.04 -36.38
N ASP D 31 -10.13 16.06 -35.04
CA ASP D 31 -11.15 15.45 -34.20
C ASP D 31 -12.23 16.49 -33.89
N MET D 32 -13.17 16.10 -33.02
CA MET D 32 -14.38 16.88 -32.74
C MET D 32 -14.04 18.08 -31.86
N ALA D 33 -12.89 18.04 -31.17
CA ALA D 33 -12.44 19.14 -30.35
C ALA D 33 -11.40 19.97 -31.09
N ALA D 34 -11.33 19.82 -32.41
CA ALA D 34 -10.39 20.54 -33.25
C ALA D 34 -8.95 20.34 -32.75
N ALA D 35 -8.57 19.06 -32.59
CA ALA D 35 -7.21 18.69 -32.22
C ALA D 35 -6.62 17.79 -33.31
N ALA D 36 -5.28 17.84 -33.44
CA ALA D 36 -4.59 17.15 -34.52
C ALA D 36 -4.00 15.84 -34.03
N TRP D 37 -4.05 14.81 -34.91
CA TRP D 37 -3.46 13.51 -34.64
C TRP D 37 -2.70 13.05 -35.88
N LYS D 38 -1.59 12.32 -35.67
CA LYS D 38 -0.77 11.80 -36.75
C LYS D 38 -0.83 10.26 -36.75
N VAL D 39 -1.04 9.68 -37.94
CA VAL D 39 -1.23 8.25 -38.09
C VAL D 39 0.12 7.56 -38.19
N GLY D 40 0.15 6.25 -37.93
CA GLY D 40 1.35 5.44 -38.04
C GLY D 40 1.08 4.12 -38.74
N LEU D 41 1.81 3.07 -38.33
CA LEU D 41 1.77 1.76 -38.98
C LEU D 41 0.48 1.03 -38.58
N PRO D 42 -0.18 0.30 -39.51
CA PRO D 42 -1.35 -0.51 -39.17
C PRO D 42 -1.00 -1.76 -38.35
N ILE D 43 -2.00 -2.31 -37.67
CA ILE D 43 -1.79 -3.42 -36.74
C ILE D 43 -2.95 -4.43 -36.90
N CYS D 50 -9.96 -1.32 -40.08
CA CYS D 50 -8.48 -1.17 -40.02
C CYS D 50 -8.10 -0.27 -38.84
N ILE D 51 -7.06 -0.68 -38.10
CA ILE D 51 -6.61 0.05 -36.92
C ILE D 51 -5.11 0.35 -37.07
N TYR D 52 -4.73 1.59 -36.72
CA TYR D 52 -3.36 2.05 -36.84
C TYR D 52 -2.90 2.61 -35.50
N LEU D 53 -1.58 2.70 -35.30
CA LEU D 53 -1.01 3.44 -34.18
C LEU D 53 -1.16 4.93 -34.44
N ALA D 54 -1.21 5.72 -33.36
CA ALA D 54 -1.48 7.15 -33.45
C ALA D 54 -0.86 7.89 -32.28
N ASP D 55 -0.71 9.21 -32.44
CA ASP D 55 -0.19 10.08 -31.39
C ASP D 55 -0.69 11.50 -31.62
N MET D 56 -0.66 12.32 -30.55
CA MET D 56 -1.22 13.67 -30.55
C MET D 56 -0.49 14.55 -31.56
N GLY D 63 5.70 6.34 -34.02
CA GLY D 63 6.58 5.55 -33.13
C GLY D 63 6.03 4.14 -32.91
N SER D 64 6.88 3.25 -32.38
CA SER D 64 6.51 1.89 -32.07
C SER D 64 6.04 1.77 -30.61
N ASP D 65 6.27 2.82 -29.81
CA ASP D 65 5.84 2.86 -28.43
C ASP D 65 4.80 3.97 -28.25
N ALA D 66 3.84 4.04 -29.19
CA ALA D 66 2.83 5.08 -29.19
C ALA D 66 1.74 4.73 -28.17
N PRO D 67 1.09 5.75 -27.53
CA PRO D 67 0.09 5.49 -26.50
C PRO D 67 -1.35 5.34 -26.97
N CYS D 68 -1.57 5.49 -28.29
CA CYS D 68 -2.92 5.54 -28.84
C CYS D 68 -3.01 4.74 -30.14
N VAL D 69 -4.25 4.43 -30.54
CA VAL D 69 -4.55 3.85 -31.84
C VAL D 69 -5.68 4.67 -32.46
N VAL D 70 -5.91 4.45 -33.76
CA VAL D 70 -7.02 5.08 -34.45
C VAL D 70 -7.75 4.00 -35.26
N LYS D 71 -9.07 3.90 -35.03
CA LYS D 71 -9.92 2.97 -35.77
C LYS D 71 -10.70 3.76 -36.80
N VAL D 72 -10.71 3.28 -38.05
CA VAL D 72 -11.34 4.01 -39.14
C VAL D 72 -12.27 3.09 -39.91
N GLU D 73 -13.41 3.66 -40.32
CA GLU D 73 -14.40 3.00 -41.17
C GLU D 73 -15.04 4.05 -42.07
N PRO D 74 -15.79 3.65 -43.12
CA PRO D 74 -16.64 4.60 -43.85
C PRO D 74 -17.63 5.29 -42.92
N SER D 75 -18.06 6.50 -43.30
CA SER D 75 -19.01 7.28 -42.51
C SER D 75 -20.37 6.60 -42.49
N ASP D 76 -20.59 5.66 -43.44
CA ASP D 76 -21.83 4.89 -43.50
C ASP D 76 -21.80 3.74 -42.51
N ASN D 77 -20.61 3.35 -42.04
CA ASN D 77 -20.45 2.17 -41.20
C ASN D 77 -21.16 2.36 -39.87
N GLY D 78 -22.08 1.44 -39.57
CA GLY D 78 -22.88 1.48 -38.35
C GLY D 78 -22.04 1.24 -37.10
N PRO D 79 -21.26 0.13 -37.02
CA PRO D 79 -20.53 -0.22 -35.80
C PRO D 79 -19.76 0.89 -35.11
N LEU D 80 -19.01 1.69 -35.88
CA LEU D 80 -18.16 2.71 -35.30
C LEU D 80 -19.00 3.86 -34.73
N PHE D 81 -20.17 4.11 -35.33
CA PHE D 81 -21.09 5.13 -34.85
C PHE D 81 -21.75 4.66 -33.56
N THR D 82 -22.12 3.37 -33.49
CA THR D 82 -22.66 2.78 -32.27
C THR D 82 -21.64 2.92 -31.14
N GLU D 83 -20.36 2.73 -31.47
CA GLU D 83 -19.27 2.72 -30.53
C GLU D 83 -19.00 4.15 -30.05
N LEU D 84 -19.01 5.09 -30.99
CA LEU D 84 -18.88 6.51 -30.69
C LEU D 84 -19.92 6.90 -29.63
N LYS D 85 -21.19 6.61 -29.93
CA LYS D 85 -22.29 6.98 -29.05
C LYS D 85 -22.10 6.32 -27.67
N PHE D 86 -21.61 5.08 -27.65
CA PHE D 86 -21.41 4.35 -26.40
C PHE D 86 -20.45 5.14 -25.50
N TYR D 87 -19.31 5.56 -26.05
CA TYR D 87 -18.28 6.20 -25.26
C TYR D 87 -18.76 7.56 -24.76
N GLN D 88 -19.45 8.32 -25.64
CA GLN D 88 -19.91 9.66 -25.30
C GLN D 88 -20.93 9.61 -24.16
N ARG D 89 -21.71 8.55 -24.11
CA ARG D 89 -22.89 8.45 -23.26
C ARG D 89 -22.56 7.75 -21.95
N ALA D 90 -21.76 6.68 -22.03
CA ALA D 90 -21.67 5.71 -20.94
C ALA D 90 -20.25 5.58 -20.38
N ALA D 91 -19.23 5.99 -21.13
CA ALA D 91 -17.85 5.72 -20.76
C ALA D 91 -16.97 6.95 -20.91
N LYS D 92 -17.45 8.09 -20.40
CA LYS D 92 -16.60 9.28 -20.27
C LYS D 92 -15.59 9.03 -19.15
N PRO D 93 -14.37 9.59 -19.24
CA PRO D 93 -13.36 9.47 -18.17
C PRO D 93 -13.88 9.64 -16.73
N GLU D 94 -14.65 10.70 -16.49
CA GLU D 94 -15.14 11.00 -15.16
C GLU D 94 -16.11 9.92 -14.68
N GLN D 95 -16.90 9.37 -15.60
CA GLN D 95 -17.84 8.30 -15.29
C GLN D 95 -17.08 7.07 -14.81
N ILE D 96 -16.00 6.73 -15.50
CA ILE D 96 -15.17 5.59 -15.14
C ILE D 96 -14.48 5.86 -13.79
N GLN D 97 -13.98 7.09 -13.59
CA GLN D 97 -13.26 7.42 -12.38
C GLN D 97 -14.19 7.35 -11.17
N LYS D 98 -15.39 7.95 -11.31
CA LYS D 98 -16.39 7.91 -10.24
C LYS D 98 -16.65 6.46 -9.84
N TRP D 99 -16.69 5.56 -10.82
CA TRP D 99 -17.00 4.16 -10.57
C TRP D 99 -15.84 3.47 -9.86
N ILE D 100 -14.60 3.70 -10.33
CA ILE D 100 -13.43 3.07 -9.76
C ILE D 100 -13.30 3.48 -8.28
N ARG D 101 -13.54 4.77 -8.00
CA ARG D 101 -13.43 5.31 -6.67
C ARG D 101 -14.51 4.72 -5.75
N THR D 102 -15.78 4.79 -6.18
CA THR D 102 -16.90 4.43 -5.32
C THR D 102 -16.95 2.92 -5.09
N ARG D 103 -16.56 2.12 -6.10
CA ARG D 103 -16.62 0.67 -6.01
CA ARG D 103 -16.62 0.66 -6.00
C ARG D 103 -15.29 0.12 -5.47
N LYS D 104 -14.31 1.01 -5.25
CA LYS D 104 -13.04 0.66 -4.62
C LYS D 104 -12.30 -0.38 -5.47
N LEU D 105 -12.15 -0.11 -6.77
CA LEU D 105 -11.46 -1.01 -7.68
C LEU D 105 -10.02 -0.55 -7.85
N LYS D 106 -9.16 -1.51 -8.21
CA LYS D 106 -7.81 -1.19 -8.66
C LYS D 106 -7.89 -0.52 -10.03
N TYR D 107 -8.75 -1.05 -10.91
CA TYR D 107 -8.94 -0.50 -12.23
C TYR D 107 -10.29 -0.97 -12.79
N LEU D 108 -10.69 -0.40 -13.93
CA LEU D 108 -11.85 -0.87 -14.66
C LEU D 108 -11.47 -1.03 -16.13
N GLY D 109 -11.74 -2.21 -16.70
CA GLY D 109 -11.27 -2.55 -18.04
C GLY D 109 -12.18 -1.99 -19.14
N VAL D 110 -12.54 -0.71 -19.04
CA VAL D 110 -13.14 0.03 -20.14
C VAL D 110 -12.06 0.94 -20.72
N PRO D 111 -11.78 0.89 -22.06
CA PRO D 111 -10.81 1.79 -22.66
C PRO D 111 -11.16 3.27 -22.55
N LYS D 112 -10.13 4.12 -22.58
CA LYS D 112 -10.31 5.55 -22.63
C LYS D 112 -10.51 5.98 -24.08
N TYR D 113 -11.54 6.80 -24.31
CA TYR D 113 -11.80 7.44 -25.59
C TYR D 113 -11.15 8.82 -25.60
N TRP D 114 -10.30 9.07 -26.60
CA TRP D 114 -9.53 10.30 -26.70
C TRP D 114 -10.24 11.31 -27.59
N GLY D 115 -10.78 10.86 -28.73
CA GLY D 115 -11.50 11.73 -29.63
C GLY D 115 -12.04 11.00 -30.85
N SER D 116 -12.74 11.74 -31.71
CA SER D 116 -13.35 11.20 -32.91
C SER D 116 -13.55 12.31 -33.93
N GLY D 117 -13.70 11.94 -35.21
CA GLY D 117 -13.93 12.91 -36.27
C GLY D 117 -14.01 12.26 -37.64
N LEU D 118 -13.90 13.11 -38.68
CA LEU D 118 -13.98 12.67 -40.07
C LEU D 118 -12.65 13.01 -40.77
N HIS D 119 -12.46 12.43 -41.96
CA HIS D 119 -11.31 12.74 -42.80
C HIS D 119 -11.62 12.40 -44.26
N ASP D 120 -11.19 13.29 -45.16
CA ASP D 120 -11.26 13.04 -46.59
C ASP D 120 -9.99 12.28 -47.01
N LYS D 121 -10.18 11.19 -47.77
CA LYS D 121 -9.05 10.40 -48.25
C LYS D 121 -9.39 9.82 -49.62
N ASN D 122 -8.75 10.36 -50.67
CA ASN D 122 -8.96 9.96 -52.05
C ASN D 122 -10.42 10.20 -52.44
N GLY D 123 -10.99 11.30 -51.94
CA GLY D 123 -12.37 11.67 -52.22
C GLY D 123 -13.37 10.69 -51.63
N LYS D 124 -13.16 10.31 -50.36
CA LYS D 124 -14.04 9.38 -49.67
C LYS D 124 -14.20 9.82 -48.21
N SER D 125 -15.39 9.56 -47.66
CA SER D 125 -15.77 10.04 -46.34
C SER D 125 -15.57 8.93 -45.30
N TYR D 126 -14.65 9.14 -44.36
CA TYR D 126 -14.34 8.16 -43.33
C TYR D 126 -14.56 8.77 -41.95
N ARG D 127 -15.03 7.94 -41.01
CA ARG D 127 -15.16 8.29 -39.61
C ARG D 127 -14.05 7.58 -38.83
N PHE D 128 -13.55 8.21 -37.77
CA PHE D 128 -12.47 7.62 -36.98
C PHE D 128 -12.69 7.87 -35.50
N MET D 129 -11.96 7.08 -34.67
CA MET D 129 -11.99 7.21 -33.22
C MET D 129 -10.61 6.90 -32.65
N ILE D 130 -10.08 7.82 -31.82
CA ILE D 130 -8.79 7.64 -31.18
C ILE D 130 -9.02 6.92 -29.85
N MET D 131 -8.29 5.80 -29.65
CA MET D 131 -8.47 4.96 -28.48
C MET D 131 -7.11 4.65 -27.86
N ASP D 132 -7.12 4.20 -26.60
CA ASP D 132 -5.92 3.71 -25.93
C ASP D 132 -5.27 2.59 -26.73
N ARG D 133 -3.95 2.46 -26.59
CA ARG D 133 -3.23 1.31 -27.11
C ARG D 133 -3.00 0.33 -25.98
N PHE D 134 -3.17 -0.97 -26.28
CA PHE D 134 -2.98 -2.04 -25.32
C PHE D 134 -1.84 -2.93 -25.79
N GLY D 135 -1.58 -3.99 -25.03
CA GLY D 135 -0.66 -5.06 -25.44
C GLY D 135 -1.40 -6.13 -26.26
N SER D 136 -1.11 -7.40 -25.94
CA SER D 136 -1.64 -8.52 -26.70
C SER D 136 -3.11 -8.76 -26.35
N ASP D 137 -3.83 -9.37 -27.30
CA ASP D 137 -5.17 -9.89 -27.03
C ASP D 137 -5.01 -11.26 -26.38
N LEU D 138 -6.09 -11.74 -25.73
CA LEU D 138 -6.05 -12.99 -25.00
C LEU D 138 -6.07 -14.19 -25.95
N GLN D 139 -6.60 -14.00 -27.16
CA GLN D 139 -6.72 -15.10 -28.11
C GLN D 139 -5.34 -15.58 -28.54
N LYS D 140 -4.38 -14.66 -28.66
CA LYS D 140 -3.01 -14.99 -29.03
C LYS D 140 -2.33 -15.75 -27.89
N ILE D 141 -2.61 -15.34 -26.65
CA ILE D 141 -2.02 -15.95 -25.48
C ILE D 141 -2.65 -17.33 -25.27
N TYR D 142 -3.97 -17.41 -25.48
CA TYR D 142 -4.72 -18.66 -25.39
C TYR D 142 -4.14 -19.68 -26.37
N GLU D 143 -3.92 -19.24 -27.62
CA GLU D 143 -3.39 -20.10 -28.67
C GLU D 143 -1.94 -20.50 -28.35
N ALA D 144 -1.18 -19.56 -27.77
CA ALA D 144 0.20 -19.80 -27.39
C ALA D 144 0.30 -20.83 -26.27
N ASN D 145 -0.79 -21.05 -25.54
CA ASN D 145 -0.82 -21.93 -24.39
C ASN D 145 -1.63 -23.19 -24.72
N ALA D 146 -1.69 -23.57 -26.01
CA ALA D 146 -2.37 -24.75 -26.48
C ALA D 146 -3.87 -24.70 -26.21
N LYS D 147 -4.45 -23.50 -26.28
CA LYS D 147 -5.89 -23.28 -26.13
C LYS D 147 -6.37 -23.83 -24.79
N ARG D 148 -5.65 -23.48 -23.71
CA ARG D 148 -6.06 -23.79 -22.35
C ARG D 148 -5.67 -22.64 -21.43
N PHE D 149 -6.60 -22.23 -20.57
CA PHE D 149 -6.29 -21.37 -19.44
C PHE D 149 -6.54 -22.16 -18.17
N SER D 150 -5.68 -21.96 -17.16
CA SER D 150 -5.86 -22.56 -15.86
C SER D 150 -7.13 -22.03 -15.22
N ARG D 151 -7.61 -22.75 -14.19
CA ARG D 151 -8.80 -22.37 -13.46
C ARG D 151 -8.58 -21.02 -12.79
N LYS D 152 -7.37 -20.82 -12.25
CA LYS D 152 -6.95 -19.57 -11.65
C LYS D 152 -7.14 -18.41 -12.63
N THR D 153 -6.59 -18.56 -13.84
CA THR D 153 -6.63 -17.51 -14.84
C THR D 153 -8.08 -17.19 -15.23
N VAL D 154 -8.88 -18.25 -15.44
CA VAL D 154 -10.25 -18.08 -15.92
C VAL D 154 -11.08 -17.35 -14.87
N LEU D 155 -10.94 -17.75 -13.60
CA LEU D 155 -11.69 -17.13 -12.51
C LEU D 155 -11.29 -15.66 -12.37
N GLN D 156 -9.99 -15.38 -12.48
CA GLN D 156 -9.48 -14.02 -12.32
C GLN D 156 -9.94 -13.15 -13.49
N LEU D 157 -9.96 -13.71 -14.71
CA LEU D 157 -10.43 -12.99 -15.87
C LEU D 157 -11.91 -12.66 -15.71
N SER D 158 -12.69 -13.67 -15.28
CA SER D 158 -14.14 -13.56 -15.20
C SER D 158 -14.55 -12.49 -14.18
N LEU D 159 -13.81 -12.40 -13.07
CA LEU D 159 -14.10 -11.44 -12.01
C LEU D 159 -13.95 -10.02 -12.55
N ARG D 160 -12.91 -9.78 -13.34
CA ARG D 160 -12.63 -8.46 -13.88
C ARG D 160 -13.62 -8.13 -15.00
N ILE D 161 -14.10 -9.16 -15.71
CA ILE D 161 -15.08 -8.94 -16.76
C ILE D 161 -16.43 -8.59 -16.13
N LEU D 162 -16.74 -9.21 -14.99
CA LEU D 162 -17.96 -8.91 -14.26
C LEU D 162 -17.97 -7.44 -13.85
N ASP D 163 -16.81 -6.90 -13.47
CA ASP D 163 -16.71 -5.50 -13.10
C ASP D 163 -17.09 -4.63 -14.31
N ILE D 164 -16.57 -5.00 -15.48
CA ILE D 164 -16.82 -4.27 -16.71
C ILE D 164 -18.31 -4.37 -17.07
N LEU D 165 -18.85 -5.58 -17.00
CA LEU D 165 -20.23 -5.82 -17.40
C LEU D 165 -21.16 -5.04 -16.49
N GLU D 166 -20.92 -5.09 -15.18
CA GLU D 166 -21.74 -4.36 -14.23
C GLU D 166 -21.69 -2.86 -14.54
N TYR D 167 -20.51 -2.34 -14.86
CA TYR D 167 -20.37 -0.94 -15.19
C TYR D 167 -21.27 -0.59 -16.37
N ILE D 168 -21.10 -1.26 -17.52
CA ILE D 168 -21.81 -0.87 -18.73
C ILE D 168 -23.31 -1.11 -18.55
N HIS D 169 -23.68 -2.19 -17.84
CA HIS D 169 -25.08 -2.50 -17.61
C HIS D 169 -25.77 -1.37 -16.84
N GLU D 170 -25.06 -0.85 -15.83
CA GLU D 170 -25.60 0.22 -15.00
C GLU D 170 -25.61 1.54 -15.76
N HIS D 171 -24.91 1.59 -16.90
CA HIS D 171 -24.91 2.75 -17.79
C HIS D 171 -25.71 2.45 -19.05
N GLU D 172 -26.62 1.46 -18.98
CA GLU D 172 -27.69 1.27 -19.94
C GLU D 172 -27.23 0.50 -21.17
N TYR D 173 -26.04 -0.13 -21.11
CA TYR D 173 -25.50 -0.80 -22.28
C TYR D 173 -25.13 -2.25 -21.98
N VAL D 174 -25.24 -3.10 -23.03
CA VAL D 174 -24.69 -4.44 -23.03
C VAL D 174 -23.70 -4.54 -24.19
N HIS D 175 -22.74 -5.46 -24.08
CA HIS D 175 -21.66 -5.57 -25.05
C HIS D 175 -22.06 -6.46 -26.21
N GLY D 176 -22.47 -7.70 -25.90
CA GLY D 176 -23.04 -8.61 -26.89
C GLY D 176 -22.01 -9.51 -27.57
N ASP D 177 -20.71 -9.32 -27.30
CA ASP D 177 -19.69 -10.03 -28.04
C ASP D 177 -18.43 -10.23 -27.21
N ILE D 178 -18.58 -10.71 -25.98
CA ILE D 178 -17.43 -11.03 -25.14
C ILE D 178 -16.72 -12.24 -25.73
N LYS D 179 -15.41 -12.11 -25.93
CA LYS D 179 -14.56 -13.20 -26.38
C LYS D 179 -13.10 -12.78 -26.23
N ALA D 180 -12.19 -13.77 -26.33
CA ALA D 180 -10.77 -13.57 -26.06
C ALA D 180 -10.16 -12.54 -27.00
N SER D 181 -10.64 -12.47 -28.24
CA SER D 181 -10.08 -11.55 -29.21
C SER D 181 -10.53 -10.11 -28.95
N ASN D 182 -11.56 -9.93 -28.11
CA ASN D 182 -11.98 -8.59 -27.68
C ASN D 182 -11.49 -8.29 -26.26
N LEU D 183 -10.51 -9.06 -25.78
CA LEU D 183 -9.93 -8.85 -24.47
C LEU D 183 -8.43 -8.58 -24.62
N LEU D 184 -8.01 -7.36 -24.29
CA LEU D 184 -6.64 -6.89 -24.49
C LEU D 184 -6.03 -6.53 -23.14
N LEU D 185 -4.74 -6.89 -22.97
CA LEU D 185 -4.00 -6.59 -21.76
C LEU D 185 -3.48 -5.15 -21.82
N ASN D 186 -3.46 -4.48 -20.65
CA ASN D 186 -2.80 -3.20 -20.49
C ASN D 186 -1.34 -3.35 -20.93
N TYR D 187 -0.85 -2.39 -21.72
CA TYR D 187 0.48 -2.49 -22.30
C TYR D 187 1.53 -2.45 -21.19
N LYS D 188 1.26 -1.67 -20.14
CA LYS D 188 2.20 -1.46 -19.05
C LYS D 188 1.82 -2.30 -17.83
N ASN D 189 0.90 -3.25 -17.98
CA ASN D 189 0.44 -4.06 -16.86
C ASN D 189 -0.26 -5.33 -17.37
N PRO D 190 0.39 -6.52 -17.26
CA PRO D 190 -0.17 -7.74 -17.84
C PRO D 190 -1.29 -8.39 -17.03
N ASP D 191 -1.58 -7.84 -15.85
CA ASP D 191 -2.62 -8.38 -14.99
C ASP D 191 -3.92 -7.58 -15.11
N GLN D 192 -3.95 -6.60 -16.03
CA GLN D 192 -5.14 -5.80 -16.24
C GLN D 192 -5.69 -6.06 -17.63
N VAL D 193 -6.94 -6.54 -17.68
CA VAL D 193 -7.58 -6.94 -18.93
C VAL D 193 -8.69 -5.93 -19.24
N TYR D 194 -8.76 -5.53 -20.51
CA TYR D 194 -9.76 -4.59 -20.99
C TYR D 194 -10.65 -5.27 -22.04
N LEU D 195 -11.95 -4.92 -22.02
CA LEU D 195 -12.89 -5.37 -23.03
C LEU D 195 -13.08 -4.25 -24.06
N VAL D 196 -12.81 -4.57 -25.33
CA VAL D 196 -12.85 -3.59 -26.41
C VAL D 196 -13.97 -3.94 -27.39
N ASP D 197 -14.17 -3.02 -28.35
CA ASP D 197 -15.05 -3.22 -29.49
C ASP D 197 -16.51 -3.25 -29.04
N TYR D 198 -17.11 -2.06 -28.93
CA TYR D 198 -18.50 -1.91 -28.55
C TYR D 198 -19.36 -1.70 -29.79
N GLY D 199 -18.95 -2.31 -30.92
CA GLY D 199 -19.63 -2.11 -32.20
C GLY D 199 -20.97 -2.85 -32.26
N LEU D 200 -21.12 -3.90 -31.45
CA LEU D 200 -22.37 -4.63 -31.35
C LEU D 200 -23.09 -4.26 -30.06
N ALA D 201 -22.57 -3.24 -29.35
CA ALA D 201 -23.12 -2.86 -28.07
C ALA D 201 -24.51 -2.29 -28.28
N TYR D 202 -25.41 -2.50 -27.32
CA TYR D 202 -26.80 -2.14 -27.47
C TYR D 202 -27.29 -1.41 -26.22
N ARG D 203 -27.97 -0.29 -26.43
CA ARG D 203 -28.58 0.47 -25.36
C ARG D 203 -29.90 -0.22 -24.98
N TYR D 204 -29.80 -1.16 -24.03
CA TYR D 204 -30.91 -2.03 -23.69
C TYR D 204 -31.88 -1.36 -22.72
N CYS D 205 -31.42 -0.28 -22.03
CA CYS D 205 -32.18 0.32 -20.96
C CYS D 205 -32.12 1.85 -21.04
N PRO D 206 -32.60 2.48 -22.15
CA PRO D 206 -32.59 3.94 -22.26
C PRO D 206 -33.42 4.60 -21.17
N GLU D 207 -32.78 5.44 -20.36
CA GLU D 207 -33.40 6.18 -19.26
C GLU D 207 -34.11 5.25 -18.29
N GLY D 208 -33.54 4.06 -18.06
CA GLY D 208 -34.07 3.13 -17.06
C GLY D 208 -35.31 2.36 -17.53
N VAL D 209 -35.64 2.45 -18.83
CA VAL D 209 -36.77 1.72 -19.39
C VAL D 209 -36.22 0.56 -20.23
N HIS D 210 -36.47 -0.67 -19.79
CA HIS D 210 -35.92 -1.85 -20.42
C HIS D 210 -36.67 -2.16 -21.72
N LYS D 211 -35.89 -2.41 -22.77
CA LYS D 211 -36.40 -2.89 -24.05
C LYS D 211 -37.26 -4.14 -23.83
N ALA D 212 -38.42 -4.17 -24.49
CA ALA D 212 -39.34 -5.31 -24.38
C ALA D 212 -38.78 -6.50 -25.16
N TYR D 213 -39.11 -7.71 -24.70
CA TYR D 213 -38.77 -8.93 -25.40
C TYR D 213 -39.49 -8.97 -26.74
N ALA D 214 -38.73 -9.14 -27.84
CA ALA D 214 -39.30 -9.27 -29.17
C ALA D 214 -38.30 -9.98 -30.08
N ALA D 215 -38.77 -10.99 -30.82
CA ALA D 215 -37.95 -11.74 -31.77
C ALA D 215 -38.07 -11.11 -33.15
N ASP D 216 -36.92 -10.69 -33.70
CA ASP D 216 -36.85 -10.04 -35.00
C ASP D 216 -36.00 -10.91 -35.91
N PRO D 217 -36.53 -11.42 -37.05
CA PRO D 217 -35.77 -12.33 -37.91
C PRO D 217 -34.45 -11.77 -38.43
N LYS D 218 -34.40 -10.44 -38.61
CA LYS D 218 -33.20 -9.76 -39.09
C LYS D 218 -32.06 -9.82 -38.06
N ARG D 219 -32.39 -9.96 -36.77
CA ARG D 219 -31.39 -9.93 -35.70
C ARG D 219 -30.76 -11.31 -35.45
N CYS D 220 -31.43 -12.40 -35.86
CA CYS D 220 -31.02 -13.73 -35.48
C CYS D 220 -29.52 -13.94 -35.68
N HIS D 221 -28.86 -14.46 -34.64
CA HIS D 221 -27.46 -14.86 -34.68
C HIS D 221 -26.52 -13.66 -34.72
N ASP D 222 -26.93 -12.52 -34.14
CA ASP D 222 -26.00 -11.46 -33.78
C ASP D 222 -24.88 -12.02 -32.91
N GLY D 223 -23.66 -11.48 -33.06
CA GLY D 223 -22.52 -11.83 -32.24
C GLY D 223 -21.65 -12.91 -32.91
N THR D 224 -20.75 -13.51 -32.11
CA THR D 224 -19.91 -14.61 -32.56
C THR D 224 -20.66 -15.92 -32.28
N ILE D 225 -20.85 -16.72 -33.33
CA ILE D 225 -21.84 -17.79 -33.32
C ILE D 225 -21.58 -18.75 -32.16
N GLU D 226 -20.31 -19.09 -31.92
CA GLU D 226 -19.94 -20.08 -30.92
C GLU D 226 -20.21 -19.55 -29.50
N PHE D 227 -20.21 -18.23 -29.31
CA PHE D 227 -20.29 -17.66 -27.97
C PHE D 227 -21.61 -16.93 -27.74
N THR D 228 -22.38 -16.60 -28.79
CA THR D 228 -23.47 -15.65 -28.63
C THR D 228 -24.59 -16.28 -27.80
N SER D 229 -25.52 -15.43 -27.35
CA SER D 229 -26.57 -15.84 -26.43
C SER D 229 -27.71 -16.51 -27.18
N ILE D 230 -28.47 -17.33 -26.45
CA ILE D 230 -29.68 -17.95 -26.99
C ILE D 230 -30.62 -16.83 -27.45
N ASP D 231 -30.77 -15.78 -26.65
CA ASP D 231 -31.59 -14.63 -27.01
C ASP D 231 -31.17 -14.11 -28.39
N ALA D 232 -29.87 -13.95 -28.61
CA ALA D 232 -29.35 -13.44 -29.87
C ALA D 232 -29.71 -14.39 -31.02
N HIS D 233 -29.58 -15.71 -30.78
CA HIS D 233 -29.94 -16.71 -31.77
C HIS D 233 -31.40 -16.57 -32.19
N ASN D 234 -32.26 -16.17 -31.26
CA ASN D 234 -33.70 -16.10 -31.48
C ASN D 234 -34.11 -14.75 -32.07
N GLY D 235 -33.15 -13.88 -32.36
CA GLY D 235 -33.44 -12.58 -32.96
C GLY D 235 -33.92 -11.55 -31.94
N VAL D 236 -33.65 -11.82 -30.65
CA VAL D 236 -34.05 -10.93 -29.59
C VAL D 236 -32.89 -9.98 -29.28
N ALA D 237 -33.20 -8.70 -29.08
CA ALA D 237 -32.18 -7.71 -28.76
C ALA D 237 -31.45 -8.11 -27.49
N PRO D 238 -30.11 -7.96 -27.43
CA PRO D 238 -29.34 -8.46 -26.29
C PRO D 238 -29.69 -7.72 -25.01
N SER D 239 -29.65 -8.45 -23.89
CA SER D 239 -29.87 -7.91 -22.56
C SER D 239 -28.79 -8.44 -21.62
N ARG D 240 -28.94 -8.16 -20.32
CA ARG D 240 -27.87 -8.41 -19.36
C ARG D 240 -27.59 -9.91 -19.23
N ARG D 241 -28.64 -10.73 -19.24
CA ARG D 241 -28.45 -12.17 -19.06
C ARG D 241 -27.64 -12.73 -20.23
N GLY D 242 -27.82 -12.13 -21.42
CA GLY D 242 -27.06 -12.50 -22.60
C GLY D 242 -25.55 -12.36 -22.39
N ASP D 243 -25.12 -11.21 -21.84
CA ASP D 243 -23.70 -10.95 -21.61
C ASP D 243 -23.11 -12.01 -20.68
N LEU D 244 -23.84 -12.30 -19.59
CA LEU D 244 -23.39 -13.26 -18.60
C LEU D 244 -23.36 -14.66 -19.20
N GLU D 245 -24.32 -14.97 -20.08
CA GLU D 245 -24.38 -16.26 -20.76
C GLU D 245 -23.15 -16.42 -21.64
N ILE D 246 -22.82 -15.38 -22.41
CA ILE D 246 -21.69 -15.39 -23.34
C ILE D 246 -20.40 -15.65 -22.54
N LEU D 247 -20.23 -14.94 -21.43
CA LEU D 247 -19.06 -15.11 -20.58
C LEU D 247 -18.95 -16.57 -20.12
N GLY D 248 -20.10 -17.16 -19.78
CA GLY D 248 -20.17 -18.56 -19.36
C GLY D 248 -19.61 -19.51 -20.42
N TYR D 249 -19.97 -19.27 -21.69
CA TYR D 249 -19.49 -20.11 -22.78
C TYR D 249 -17.99 -19.88 -22.98
N CYS D 250 -17.53 -18.64 -22.79
CA CYS D 250 -16.11 -18.32 -22.86
C CYS D 250 -15.33 -19.11 -21.81
N MET D 251 -15.86 -19.19 -20.58
CA MET D 251 -15.14 -19.80 -19.47
C MET D 251 -14.96 -21.30 -19.75
N ILE D 252 -15.98 -21.94 -20.32
CA ILE D 252 -15.90 -23.36 -20.67
C ILE D 252 -14.85 -23.53 -21.77
N GLN D 253 -14.95 -22.70 -22.82
CA GLN D 253 -14.01 -22.71 -23.93
C GLN D 253 -12.58 -22.57 -23.41
N TRP D 254 -12.37 -21.67 -22.45
CA TRP D 254 -11.04 -21.38 -21.94
C TRP D 254 -10.49 -22.55 -21.13
N LEU D 255 -11.35 -23.19 -20.32
CA LEU D 255 -10.93 -24.27 -19.44
C LEU D 255 -10.64 -25.53 -20.24
N THR D 256 -11.54 -25.90 -21.15
CA THR D 256 -11.53 -27.22 -21.77
C THR D 256 -10.92 -27.16 -23.18
N GLY D 257 -10.93 -25.98 -23.80
CA GLY D 257 -10.46 -25.83 -25.17
C GLY D 257 -11.56 -26.11 -26.20
N HIS D 258 -12.79 -26.37 -25.73
CA HIS D 258 -13.84 -26.85 -26.62
C HIS D 258 -15.21 -26.29 -26.20
N LEU D 259 -16.14 -26.33 -27.16
CA LEU D 259 -17.56 -26.21 -26.89
C LEU D 259 -18.27 -27.34 -27.65
N PRO D 260 -19.38 -27.91 -27.11
CA PRO D 260 -20.11 -28.99 -27.76
C PRO D 260 -20.48 -28.78 -29.24
N TRP D 261 -20.87 -27.56 -29.57
CA TRP D 261 -21.46 -27.22 -30.86
C TRP D 261 -20.40 -26.77 -31.86
N GLU D 262 -19.11 -26.88 -31.49
CA GLU D 262 -18.02 -26.37 -32.30
C GLU D 262 -17.82 -27.19 -33.57
N ASP D 263 -18.49 -28.35 -33.65
CA ASP D 263 -18.33 -29.26 -34.77
C ASP D 263 -19.16 -28.82 -35.97
N ASN D 264 -20.09 -27.87 -35.80
CA ASN D 264 -20.94 -27.45 -36.90
C ASN D 264 -21.40 -26.01 -36.69
N LEU D 265 -20.43 -25.07 -36.73
CA LEU D 265 -20.70 -23.65 -36.58
C LEU D 265 -21.28 -23.06 -37.87
N LYS D 266 -21.28 -23.83 -38.96
CA LYS D 266 -21.85 -23.41 -40.23
C LYS D 266 -23.37 -23.60 -40.24
N ASP D 267 -23.92 -24.26 -39.22
CA ASP D 267 -25.35 -24.49 -39.08
C ASP D 267 -25.85 -23.73 -37.84
N PRO D 268 -26.32 -22.46 -38.00
CA PRO D 268 -26.72 -21.65 -36.85
C PRO D 268 -27.84 -22.24 -36.02
N LYS D 269 -28.77 -22.95 -36.68
CA LYS D 269 -29.93 -23.52 -36.01
C LYS D 269 -29.49 -24.64 -35.08
N TYR D 270 -28.42 -25.35 -35.47
CA TYR D 270 -27.89 -26.42 -34.65
C TYR D 270 -27.19 -25.85 -33.41
N VAL D 271 -26.52 -24.70 -33.57
CA VAL D 271 -25.82 -24.07 -32.47
C VAL D 271 -26.84 -23.59 -31.43
N ARG D 272 -27.87 -22.88 -31.90
CA ARG D 272 -28.96 -22.42 -31.06
C ARG D 272 -29.61 -23.58 -30.31
N ASP D 273 -30.07 -24.59 -31.07
CA ASP D 273 -30.80 -25.72 -30.52
C ASP D 273 -29.95 -26.45 -29.49
N SER D 274 -28.65 -26.55 -29.76
CA SER D 274 -27.73 -27.23 -28.86
C SER D 274 -27.61 -26.46 -27.54
N LYS D 275 -27.46 -25.13 -27.63
CA LYS D 275 -27.40 -24.29 -26.44
C LYS D 275 -28.72 -24.34 -25.67
N ILE D 276 -29.86 -24.40 -26.38
CA ILE D 276 -31.15 -24.52 -25.72
C ILE D 276 -31.20 -25.84 -24.93
N ARG D 277 -30.73 -26.92 -25.55
CA ARG D 277 -30.76 -28.24 -24.92
C ARG D 277 -29.87 -28.26 -23.67
N TYR D 278 -28.70 -27.63 -23.77
CA TYR D 278 -27.73 -27.65 -22.68
C TYR D 278 -28.11 -26.64 -21.59
N ARG D 279 -29.00 -25.70 -21.91
CA ARG D 279 -29.58 -24.81 -20.91
C ARG D 279 -30.64 -25.56 -20.12
N GLU D 280 -31.45 -26.37 -20.80
CA GLU D 280 -32.54 -27.10 -20.16
C GLU D 280 -31.99 -28.08 -19.13
N ASN D 281 -30.77 -28.60 -19.37
CA ASN D 281 -30.15 -29.59 -18.51
C ASN D 281 -28.67 -29.27 -18.37
N ILE D 282 -28.32 -28.49 -17.34
CA ILE D 282 -26.95 -28.02 -17.17
C ILE D 282 -26.04 -29.17 -16.74
N ALA D 283 -26.59 -30.17 -16.05
CA ALA D 283 -25.82 -31.33 -15.65
C ALA D 283 -25.20 -32.02 -16.88
N SER D 284 -25.98 -32.13 -17.97
CA SER D 284 -25.50 -32.77 -19.19
C SER D 284 -24.45 -31.91 -19.89
N LEU D 285 -24.51 -30.58 -19.70
CA LEU D 285 -23.47 -29.70 -20.24
C LEU D 285 -22.15 -29.98 -19.52
N MET D 286 -22.21 -30.15 -18.19
CA MET D 286 -21.02 -30.42 -17.40
C MET D 286 -20.48 -31.82 -17.73
N ASP D 287 -21.38 -32.79 -17.89
CA ASP D 287 -21.01 -34.14 -18.30
C ASP D 287 -20.31 -34.11 -19.65
N LYS D 288 -20.86 -33.32 -20.59
CA LYS D 288 -20.33 -33.24 -21.95
C LYS D 288 -18.96 -32.56 -21.96
N CYS D 289 -18.83 -31.48 -21.17
CA CYS D 289 -17.65 -30.63 -21.23
C CYS D 289 -16.54 -31.12 -20.29
N PHE D 290 -16.93 -31.68 -19.13
CA PHE D 290 -15.98 -32.11 -18.11
C PHE D 290 -16.28 -33.55 -17.67
N ALA D 295 -15.24 -31.83 -12.15
CA ALA D 295 -15.82 -30.67 -12.87
C ALA D 295 -15.95 -29.48 -11.91
N PRO D 296 -15.52 -28.26 -12.30
CA PRO D 296 -15.51 -27.12 -11.37
C PRO D 296 -16.94 -26.74 -10.99
N GLY D 297 -17.22 -26.81 -9.68
CA GLY D 297 -18.56 -26.58 -9.16
C GLY D 297 -19.06 -25.17 -9.48
N GLU D 298 -18.14 -24.19 -9.47
CA GLU D 298 -18.50 -22.79 -9.63
C GLU D 298 -18.99 -22.52 -11.06
N ILE D 299 -18.45 -23.25 -12.04
CA ILE D 299 -18.88 -23.11 -13.42
C ILE D 299 -20.34 -23.55 -13.54
N ALA D 300 -20.69 -24.66 -12.87
CA ALA D 300 -22.04 -25.19 -12.90
C ALA D 300 -23.02 -24.24 -12.21
N LYS D 301 -22.62 -23.71 -11.05
CA LYS D 301 -23.42 -22.78 -10.28
C LYS D 301 -23.61 -21.47 -11.07
N TYR D 302 -22.56 -21.01 -11.74
CA TYR D 302 -22.64 -19.82 -12.57
C TYR D 302 -23.70 -20.01 -13.64
N MET D 303 -23.63 -21.14 -14.35
CA MET D 303 -24.56 -21.43 -15.44
C MET D 303 -25.99 -21.55 -14.93
N GLU D 304 -26.17 -22.20 -13.76
CA GLU D 304 -27.49 -22.37 -13.17
C GLU D 304 -28.07 -21.00 -12.79
N THR D 305 -27.22 -20.11 -12.28
CA THR D 305 -27.68 -18.80 -11.83
C THR D 305 -28.09 -17.97 -13.03
N VAL D 306 -27.31 -18.04 -14.11
CA VAL D 306 -27.60 -17.31 -15.33
C VAL D 306 -28.90 -17.86 -15.94
N LYS D 307 -29.12 -19.17 -15.81
CA LYS D 307 -30.33 -19.81 -16.31
C LYS D 307 -31.59 -19.20 -15.67
N LEU D 308 -31.50 -18.84 -14.38
CA LEU D 308 -32.63 -18.35 -13.62
C LEU D 308 -33.00 -16.91 -14.00
N LEU D 309 -32.15 -16.23 -14.79
CA LEU D 309 -32.39 -14.83 -15.12
C LEU D 309 -33.47 -14.71 -16.20
N ASP D 310 -34.46 -13.86 -15.93
CA ASP D 310 -35.43 -13.45 -16.93
C ASP D 310 -34.81 -12.36 -17.81
N TYR D 311 -35.47 -12.07 -18.93
CA TYR D 311 -34.91 -11.22 -19.98
C TYR D 311 -34.61 -9.81 -19.46
N THR D 312 -35.46 -9.27 -18.58
CA THR D 312 -35.30 -7.90 -18.10
C THR D 312 -34.71 -7.87 -16.69
N GLU D 313 -34.36 -9.04 -16.14
CA GLU D 313 -34.01 -9.13 -14.73
C GLU D 313 -32.61 -8.57 -14.49
N LYS D 314 -32.46 -7.79 -13.41
CA LYS D 314 -31.16 -7.30 -13.00
C LYS D 314 -30.40 -8.46 -12.33
N PRO D 315 -29.19 -8.80 -12.80
CA PRO D 315 -28.37 -9.82 -12.13
C PRO D 315 -27.98 -9.39 -10.72
N LEU D 316 -27.90 -10.38 -9.81
CA LEU D 316 -27.26 -10.19 -8.52
C LEU D 316 -25.76 -10.39 -8.69
N TYR D 317 -25.05 -9.30 -9.03
CA TYR D 317 -23.65 -9.36 -9.41
C TYR D 317 -22.79 -9.91 -8.28
N GLU D 318 -23.13 -9.57 -7.03
CA GLU D 318 -22.36 -9.99 -5.86
C GLU D 318 -22.47 -11.51 -5.66
N ASN D 319 -23.66 -12.06 -5.89
CA ASN D 319 -23.87 -13.50 -5.83
C ASN D 319 -22.99 -14.18 -6.87
N LEU D 320 -22.92 -13.62 -8.08
CA LEU D 320 -22.11 -14.19 -9.15
C LEU D 320 -20.62 -14.10 -8.81
N ARG D 321 -20.22 -12.99 -8.20
CA ARG D 321 -18.83 -12.79 -7.79
C ARG D 321 -18.48 -13.79 -6.70
N ASP D 322 -19.39 -13.99 -5.74
CA ASP D 322 -19.16 -14.91 -4.64
C ASP D 322 -19.03 -16.35 -5.16
N ILE D 323 -19.77 -16.69 -6.22
CA ILE D 323 -19.67 -18.01 -6.82
C ILE D 323 -18.26 -18.24 -7.33
N LEU D 324 -17.72 -17.26 -8.05
CA LEU D 324 -16.38 -17.38 -8.62
C LEU D 324 -15.32 -17.38 -7.51
N LEU D 325 -15.56 -16.62 -6.44
CA LEU D 325 -14.61 -16.53 -5.34
C LEU D 325 -14.54 -17.86 -4.60
N GLN D 326 -15.68 -18.57 -4.48
CA GLN D 326 -15.69 -19.91 -3.92
C GLN D 326 -14.79 -20.81 -4.77
N GLY D 327 -14.81 -20.58 -6.09
CA GLY D 327 -13.95 -21.29 -7.02
C GLY D 327 -12.46 -21.11 -6.71
N LEU D 328 -12.08 -19.87 -6.34
CA LEU D 328 -10.70 -19.56 -6.01
C LEU D 328 -10.30 -20.25 -4.71
N LYS D 329 -11.22 -20.28 -3.73
CA LYS D 329 -10.93 -20.92 -2.45
C LYS D 329 -10.69 -22.42 -2.64
N ALA D 330 -11.45 -23.03 -3.55
CA ALA D 330 -11.38 -24.48 -3.80
C ALA D 330 -10.02 -24.89 -4.36
N ILE D 331 -9.24 -23.94 -4.88
CA ILE D 331 -7.90 -24.23 -5.39
C ILE D 331 -6.85 -23.57 -4.49
N GLY D 332 -7.24 -23.19 -3.27
CA GLY D 332 -6.31 -22.68 -2.28
C GLY D 332 -5.73 -21.32 -2.67
N SER D 333 -6.53 -20.50 -3.35
CA SER D 333 -6.11 -19.18 -3.81
C SER D 333 -7.11 -18.13 -3.33
N LYS D 334 -6.83 -16.87 -3.70
CA LYS D 334 -7.71 -15.74 -3.40
C LYS D 334 -7.68 -14.77 -4.58
N ASP D 335 -8.60 -13.79 -4.56
CA ASP D 335 -8.61 -12.75 -5.57
C ASP D 335 -7.47 -11.77 -5.27
N ASP D 336 -6.28 -12.08 -5.80
CA ASP D 336 -5.12 -11.21 -5.67
C ASP D 336 -4.88 -10.44 -6.97
N GLY D 337 -5.81 -10.59 -7.94
CA GLY D 337 -5.75 -9.84 -9.18
C GLY D 337 -4.69 -10.38 -10.16
N LYS D 338 -4.11 -11.54 -9.86
CA LYS D 338 -3.04 -12.09 -10.68
C LYS D 338 -3.66 -13.02 -11.74
N LEU D 339 -3.42 -12.70 -13.01
CA LEU D 339 -4.00 -13.46 -14.12
C LEU D 339 -3.15 -14.69 -14.44
N ASP D 340 -1.87 -14.66 -14.07
CA ASP D 340 -0.94 -15.78 -14.23
C ASP D 340 -0.89 -16.24 -15.68
N LEU D 341 -0.63 -15.29 -16.59
CA LEU D 341 -0.51 -15.57 -18.01
C LEU D 341 0.98 -15.83 -18.36
#